data_6ISP
#
_entry.id   6ISP
#
_cell.length_a   46.980
_cell.length_b   155.970
_cell.length_c   92.530
_cell.angle_alpha   90.00
_cell.angle_beta   90.00
_cell.angle_gamma   90.00
#
_symmetry.space_group_name_H-M   'P 1 21 1'
#
loop_
_entity.id
_entity.type
_entity.pdbx_description
1 polymer 'Lipase B'
2 non-polymer N,N-BIS(3-D-GLUCONAMIDOPROPYL)DEOXYCHOLAMIDE
3 non-polymer 'CALCIUM ION'
4 water water
#
_entity_poly.entity_id   1
_entity_poly.type   'polypeptide(L)'
_entity_poly.pdbx_seq_one_letter_code
;GAMALPSGSDPAFSQPKSVLDAGLTCQGASPSSVSKPILLVPGTGTTGPQSFDSNWIPLSAQLGYTPCWISPPPFMLNDT
QVNTEYMVNAITTLYAGSGNNKLPVLTVSQGGLVAQWGLTFFPSIRSKVDRLMAFAPDYKGTVLAGPLDALAGSAPSVWQ
QTTGSALTTALRNAGGLTQIVPTTNLYSATDEIVQPQVSNSPLDSSYLFNGKNVQAQAVCGPLFVIDHAGSLTSQFSYVV
GRSALRSTTGQARSADYGITDCNPLPANDLTPEQKVAAAALLAPYYAAIVAGPKQNCEPDLMPYARPFAVGKRTCSGIVT
P
;
_entity_poly.pdbx_strand_id   D,A,C,B
#
# COMPACT_ATOMS: atom_id res chain seq x y z
N ALA A 4 -8.32 -55.85 12.66
CA ALA A 4 -9.56 -56.59 12.44
C ALA A 4 -10.37 -55.96 11.30
N LEU A 5 -11.11 -56.80 10.59
CA LEU A 5 -11.92 -56.40 9.46
C LEU A 5 -13.27 -57.10 9.55
N PRO A 6 -14.28 -56.60 8.85
CA PRO A 6 -15.55 -57.34 8.76
C PRO A 6 -15.32 -58.75 8.25
N SER A 7 -16.05 -59.70 8.84
CA SER A 7 -15.94 -61.11 8.49
C SER A 7 -17.34 -61.66 8.26
N GLY A 8 -17.39 -62.91 7.80
CA GLY A 8 -18.65 -63.58 7.57
C GLY A 8 -19.12 -63.50 6.14
N SER A 9 -20.41 -63.70 5.97
CA SER A 9 -21.02 -63.71 4.64
C SER A 9 -21.04 -62.31 4.04
N ASP A 10 -21.01 -62.27 2.71
CA ASP A 10 -21.18 -61.00 2.02
C ASP A 10 -22.57 -60.43 2.30
N PRO A 11 -22.69 -59.12 2.48
CA PRO A 11 -24.03 -58.52 2.55
C PRO A 11 -24.79 -58.74 1.26
N ALA A 12 -26.12 -58.69 1.36
CA ALA A 12 -26.95 -58.87 0.18
C ALA A 12 -26.91 -57.62 -0.68
N PHE A 13 -26.92 -57.83 -2.00
CA PHE A 13 -26.98 -56.71 -2.92
C PHE A 13 -28.37 -56.08 -2.90
N SER A 14 -28.41 -54.75 -2.95
CA SER A 14 -29.70 -54.06 -3.04
C SER A 14 -30.25 -54.02 -4.45
N GLN A 15 -29.41 -54.32 -5.45
CA GLN A 15 -29.81 -54.35 -6.85
C GLN A 15 -29.89 -55.80 -7.35
N PRO A 16 -30.81 -56.09 -8.26
CA PRO A 16 -30.84 -57.43 -8.86
C PRO A 16 -29.55 -57.68 -9.65
N LYS A 17 -29.17 -58.96 -9.72
CA LYS A 17 -27.91 -59.30 -10.38
C LYS A 17 -27.93 -58.93 -11.85
N SER A 18 -29.11 -58.98 -12.50
CA SER A 18 -29.17 -58.59 -13.90
C SER A 18 -28.85 -57.11 -14.09
N VAL A 19 -29.21 -56.28 -13.11
CA VAL A 19 -28.84 -54.87 -13.18
C VAL A 19 -27.34 -54.70 -13.01
N LEU A 20 -26.77 -55.38 -12.01
CA LEU A 20 -25.32 -55.30 -11.79
C LEU A 20 -24.55 -55.96 -12.93
N ASP A 21 -25.08 -57.05 -13.49
CA ASP A 21 -24.45 -57.66 -14.65
C ASP A 21 -24.50 -56.72 -15.86
N ALA A 22 -25.56 -55.93 -15.97
CA ALA A 22 -25.69 -55.01 -17.10
C ALA A 22 -24.63 -53.92 -17.10
N GLY A 23 -24.07 -53.61 -15.93
CA GLY A 23 -23.05 -52.59 -15.82
C GLY A 23 -21.63 -53.02 -16.06
N LEU A 24 -21.40 -54.31 -16.35
CA LEU A 24 -20.07 -54.84 -16.55
C LEU A 24 -19.87 -55.14 -18.04
N THR A 25 -18.76 -54.65 -18.59
CA THR A 25 -18.42 -54.88 -19.99
C THR A 25 -16.94 -55.21 -20.11
N CYS A 26 -16.62 -56.15 -20.98
CA CYS A 26 -15.25 -56.48 -21.32
C CYS A 26 -15.02 -56.19 -22.80
N GLN A 27 -13.83 -55.68 -23.12
CA GLN A 27 -13.47 -55.37 -24.49
C GLN A 27 -13.16 -56.66 -25.23
N GLY A 28 -13.99 -57.01 -26.21
CA GLY A 28 -13.74 -58.16 -27.05
C GLY A 28 -13.87 -59.50 -26.36
N ALA A 29 -14.64 -59.59 -25.28
CA ALA A 29 -14.80 -60.85 -24.56
C ALA A 29 -16.06 -60.78 -23.72
N SER A 30 -16.61 -61.94 -23.42
CA SER A 30 -17.75 -62.07 -22.50
C SER A 30 -17.25 -62.18 -21.06
N PRO A 31 -17.97 -61.57 -20.11
CA PRO A 31 -17.54 -61.65 -18.71
C PRO A 31 -17.42 -63.07 -18.20
N SER A 32 -18.20 -64.00 -18.74
CA SER A 32 -18.17 -65.39 -18.30
C SER A 32 -17.08 -66.21 -18.98
N SER A 33 -16.37 -65.64 -19.96
CA SER A 33 -15.27 -66.34 -20.64
C SER A 33 -14.27 -65.29 -21.12
N VAL A 34 -13.39 -64.87 -20.23
CA VAL A 34 -12.45 -63.78 -20.49
C VAL A 34 -11.05 -64.24 -20.11
N SER A 35 -10.07 -63.85 -20.91
CA SER A 35 -8.67 -64.24 -20.71
C SER A 35 -7.90 -63.06 -20.10
N LYS A 36 -7.26 -63.30 -18.97
CA LYS A 36 -6.47 -62.31 -18.27
C LYS A 36 -7.22 -60.98 -18.09
N PRO A 37 -8.35 -60.99 -17.40
CA PRO A 37 -9.13 -59.76 -17.25
C PRO A 37 -8.50 -58.79 -16.26
N ILE A 38 -8.82 -57.52 -16.44
CA ILE A 38 -8.50 -56.47 -15.48
C ILE A 38 -9.73 -55.61 -15.30
N LEU A 39 -10.12 -55.39 -14.04
CA LEU A 39 -11.29 -54.59 -13.74
C LEU A 39 -10.87 -53.13 -13.57
N LEU A 40 -11.42 -52.25 -14.41
CA LEU A 40 -11.16 -50.82 -14.35
C LEU A 40 -12.39 -50.14 -13.78
N VAL A 41 -12.21 -49.40 -12.69
CA VAL A 41 -13.29 -48.72 -11.99
C VAL A 41 -13.13 -47.22 -12.20
N PRO A 42 -14.11 -46.54 -12.79
CA PRO A 42 -13.95 -45.13 -13.14
C PRO A 42 -14.15 -44.23 -11.92
N GLY A 43 -13.99 -42.92 -12.16
CA GLY A 43 -14.12 -41.93 -11.12
C GLY A 43 -15.48 -41.25 -11.10
N THR A 44 -15.65 -40.35 -10.13
CA THR A 44 -16.90 -39.63 -9.94
C THR A 44 -17.28 -38.84 -11.19
N GLY A 45 -18.56 -38.89 -11.54
CA GLY A 45 -19.09 -38.11 -12.65
C GLY A 45 -18.79 -38.68 -14.03
N THR A 46 -18.30 -39.92 -14.12
CA THR A 46 -17.92 -40.52 -15.39
C THR A 46 -18.33 -41.98 -15.41
N THR A 47 -18.30 -42.55 -16.62
CA THR A 47 -18.47 -43.98 -16.81
C THR A 47 -17.09 -44.63 -17.04
N GLY A 48 -17.10 -45.95 -17.17
CA GLY A 48 -15.92 -46.73 -17.44
C GLY A 48 -15.16 -46.31 -18.68
N PRO A 49 -15.82 -46.28 -19.84
CA PRO A 49 -15.12 -45.83 -21.06
C PRO A 49 -14.59 -44.41 -20.95
N GLN A 50 -15.33 -43.52 -20.30
CA GLN A 50 -14.91 -42.13 -20.18
C GLN A 50 -13.62 -42.00 -19.38
N SER A 51 -13.37 -42.91 -18.44
CA SER A 51 -12.17 -42.83 -17.61
C SER A 51 -10.95 -43.47 -18.25
N PHE A 52 -11.13 -44.50 -19.07
CA PHE A 52 -10.00 -45.31 -19.49
C PHE A 52 -9.86 -45.50 -21.00
N ASP A 53 -10.81 -45.00 -21.81
CA ASP A 53 -10.66 -45.10 -23.26
C ASP A 53 -9.36 -44.46 -23.72
N SER A 54 -8.99 -43.33 -23.12
CA SER A 54 -7.82 -42.57 -23.53
C SER A 54 -6.54 -43.04 -22.86
N ASN A 55 -6.62 -43.92 -21.86
CA ASN A 55 -5.43 -44.32 -21.13
C ASN A 55 -5.33 -45.82 -20.90
N TRP A 56 -5.92 -46.32 -19.81
CA TRP A 56 -5.58 -47.67 -19.37
C TRP A 56 -6.36 -48.78 -20.07
N ILE A 57 -7.37 -48.47 -20.86
CA ILE A 57 -7.98 -49.53 -21.67
C ILE A 57 -7.00 -49.92 -22.77
N PRO A 58 -6.43 -48.98 -23.55
CA PRO A 58 -5.37 -49.40 -24.49
C PRO A 58 -4.08 -49.82 -23.81
N LEU A 59 -3.70 -49.17 -22.70
CA LEU A 59 -2.42 -49.50 -22.06
C LEU A 59 -2.44 -50.89 -21.45
N SER A 60 -3.54 -51.27 -20.78
CA SER A 60 -3.61 -52.61 -20.21
C SER A 60 -3.74 -53.67 -21.31
N ALA A 61 -4.41 -53.35 -22.41
CA ALA A 61 -4.50 -54.28 -23.52
C ALA A 61 -3.14 -54.53 -24.16
N GLN A 62 -2.29 -53.52 -24.22
CA GLN A 62 -0.94 -53.71 -24.74
C GLN A 62 -0.10 -54.57 -23.82
N LEU A 63 -0.38 -54.54 -22.52
CA LEU A 63 0.33 -55.38 -21.56
C LEU A 63 -0.17 -56.82 -21.54
N GLY A 64 -1.23 -57.13 -22.29
CA GLY A 64 -1.74 -58.48 -22.39
C GLY A 64 -3.05 -58.72 -21.68
N TYR A 65 -3.64 -57.72 -21.05
CA TYR A 65 -4.89 -57.88 -20.33
C TYR A 65 -6.09 -57.70 -21.26
N THR A 66 -7.23 -58.22 -20.82
CA THR A 66 -8.50 -57.94 -21.47
C THR A 66 -9.19 -56.82 -20.70
N PRO A 67 -9.31 -55.62 -21.27
CA PRO A 67 -9.90 -54.50 -20.52
C PRO A 67 -11.36 -54.78 -20.21
N CYS A 68 -11.70 -54.79 -18.92
CA CYS A 68 -13.06 -54.87 -18.44
C CYS A 68 -13.32 -53.72 -17.49
N TRP A 69 -14.58 -53.29 -17.42
CA TRP A 69 -14.89 -52.11 -16.64
C TRP A 69 -16.35 -52.17 -16.18
N ILE A 70 -16.67 -51.34 -15.20
CA ILE A 70 -18.03 -51.15 -14.73
C ILE A 70 -18.41 -49.70 -14.95
N SER A 71 -19.70 -49.46 -15.17
CA SER A 71 -20.23 -48.11 -15.37
C SER A 71 -21.49 -47.94 -14.52
N PRO A 72 -21.33 -47.82 -13.21
CA PRO A 72 -22.50 -47.66 -12.34
C PRO A 72 -23.25 -46.37 -12.65
N PRO A 73 -24.55 -46.46 -12.93
CA PRO A 73 -25.40 -45.30 -13.20
C PRO A 73 -25.74 -44.53 -11.93
N PRO A 74 -25.88 -43.20 -12.03
CA PRO A 74 -25.53 -42.44 -13.22
C PRO A 74 -24.15 -41.78 -13.11
N PHE A 75 -23.19 -42.23 -13.91
CA PHE A 75 -21.85 -41.64 -13.96
C PHE A 75 -21.20 -41.61 -12.58
N MET A 76 -21.32 -42.69 -11.82
CA MET A 76 -20.71 -42.82 -10.50
C MET A 76 -21.21 -41.76 -9.52
N LEU A 77 -22.32 -41.09 -9.84
CA LEU A 77 -22.83 -40.03 -8.97
C LEU A 77 -23.77 -40.53 -7.90
N ASN A 78 -24.30 -41.74 -8.03
CA ASN A 78 -25.24 -42.27 -7.06
C ASN A 78 -24.49 -42.77 -5.83
N ASP A 79 -25.25 -43.30 -4.86
CA ASP A 79 -24.72 -43.85 -3.63
C ASP A 79 -23.50 -44.73 -3.88
N THR A 80 -22.39 -44.40 -3.22
CA THR A 80 -21.14 -45.15 -3.37
C THR A 80 -21.31 -46.60 -2.93
N GLN A 81 -22.17 -46.86 -1.95
CA GLN A 81 -22.43 -48.22 -1.53
C GLN A 81 -23.04 -49.05 -2.65
N VAL A 82 -23.88 -48.43 -3.48
CA VAL A 82 -24.49 -49.15 -4.59
C VAL A 82 -23.49 -49.32 -5.73
N ASN A 83 -22.62 -48.33 -5.96
CA ASN A 83 -21.57 -48.49 -6.97
C ASN A 83 -20.66 -49.66 -6.63
N THR A 84 -20.44 -49.93 -5.34
CA THR A 84 -19.58 -51.03 -4.95
C THR A 84 -20.21 -52.39 -5.28
N GLU A 85 -21.55 -52.47 -5.26
CA GLU A 85 -22.21 -53.70 -5.64
C GLU A 85 -21.84 -54.11 -7.07
N TYR A 86 -21.67 -53.12 -7.95
CA TYR A 86 -21.25 -53.41 -9.31
C TYR A 86 -19.85 -54.02 -9.34
N MET A 87 -18.95 -53.54 -8.47
CA MET A 87 -17.59 -54.04 -8.48
C MET A 87 -17.49 -55.43 -7.90
N VAL A 88 -18.15 -55.66 -6.76
CA VAL A 88 -18.13 -56.97 -6.12
C VAL A 88 -18.70 -58.02 -7.07
N ASN A 89 -19.86 -57.72 -7.67
CA ASN A 89 -20.47 -58.65 -8.61
C ASN A 89 -19.57 -58.87 -9.83
N ALA A 90 -18.89 -57.83 -10.28
CA ALA A 90 -18.01 -57.97 -11.45
C ALA A 90 -16.81 -58.86 -11.14
N ILE A 91 -16.24 -58.72 -9.95
CA ILE A 91 -15.08 -59.53 -9.57
C ILE A 91 -15.46 -60.99 -9.49
N THR A 92 -16.58 -61.29 -8.83
CA THR A 92 -17.06 -62.67 -8.78
C THR A 92 -17.26 -63.23 -10.17
N THR A 93 -17.86 -62.44 -11.07
CA THR A 93 -18.09 -62.89 -12.43
C THR A 93 -16.77 -63.11 -13.16
N LEU A 94 -15.86 -62.14 -13.06
CA LEU A 94 -14.59 -62.24 -13.78
C LEU A 94 -13.67 -63.28 -13.18
N TYR A 95 -13.74 -63.49 -11.86
CA TYR A 95 -12.95 -64.55 -11.24
C TYR A 95 -13.34 -65.92 -11.82
N ALA A 96 -14.63 -66.24 -11.78
CA ALA A 96 -15.09 -67.49 -12.36
C ALA A 96 -14.95 -67.47 -13.88
N GLY A 97 -15.17 -66.30 -14.50
CA GLY A 97 -15.11 -66.20 -15.95
C GLY A 97 -13.73 -66.42 -16.53
N SER A 98 -12.68 -66.33 -15.73
CA SER A 98 -11.31 -66.57 -16.17
C SER A 98 -10.74 -67.86 -15.58
N GLY A 99 -11.61 -68.80 -15.26
CA GLY A 99 -11.16 -70.08 -14.72
C GLY A 99 -10.78 -70.05 -13.26
N ASN A 100 -11.51 -69.28 -12.45
CA ASN A 100 -11.26 -69.16 -11.01
C ASN A 100 -9.82 -68.73 -10.73
N ASN A 101 -9.42 -67.64 -11.37
CA ASN A 101 -8.11 -67.04 -11.21
C ASN A 101 -8.25 -65.60 -10.73
N LYS A 102 -7.34 -65.18 -9.86
CA LYS A 102 -7.35 -63.79 -9.38
C LYS A 102 -7.09 -62.82 -10.51
N LEU A 103 -7.66 -61.62 -10.38
CA LEU A 103 -7.55 -60.58 -11.38
C LEU A 103 -7.15 -59.25 -10.73
N PRO A 104 -6.47 -58.39 -11.47
CA PRO A 104 -6.12 -57.07 -10.93
C PRO A 104 -7.26 -56.08 -11.07
N VAL A 105 -7.24 -55.07 -10.19
CA VAL A 105 -8.20 -53.97 -10.21
C VAL A 105 -7.43 -52.66 -10.27
N LEU A 106 -7.76 -51.83 -11.26
CA LEU A 106 -7.15 -50.52 -11.44
C LEU A 106 -8.25 -49.47 -11.42
N THR A 107 -8.03 -48.41 -10.64
CA THR A 107 -9.08 -47.45 -10.35
C THR A 107 -8.57 -46.03 -10.51
N VAL A 108 -9.51 -45.08 -10.44
CA VAL A 108 -9.21 -43.65 -10.39
C VAL A 108 -10.29 -42.98 -9.56
N SER A 109 -9.88 -42.01 -8.74
CA SER A 109 -10.79 -41.14 -7.99
C SER A 109 -11.67 -41.98 -7.08
N GLN A 110 -13.00 -41.87 -7.17
CA GLN A 110 -13.89 -42.68 -6.34
C GLN A 110 -13.69 -44.17 -6.55
N GLY A 111 -13.17 -44.57 -7.71
CA GLY A 111 -12.97 -45.98 -7.98
C GLY A 111 -12.11 -46.66 -6.93
N GLY A 112 -11.06 -45.98 -6.47
CA GLY A 112 -10.24 -46.55 -5.41
C GLY A 112 -10.98 -46.64 -4.09
N LEU A 113 -11.78 -45.61 -3.78
CA LEU A 113 -12.64 -45.67 -2.60
C LEU A 113 -13.63 -46.81 -2.71
N VAL A 114 -14.15 -47.06 -3.92
CA VAL A 114 -15.07 -48.17 -4.14
C VAL A 114 -14.37 -49.50 -3.92
N ALA A 115 -13.13 -49.62 -4.41
CA ALA A 115 -12.40 -50.89 -4.30
C ALA A 115 -12.16 -51.27 -2.84
N GLN A 116 -11.67 -50.31 -2.05
CA GLN A 116 -11.39 -50.61 -0.64
C GLN A 116 -12.66 -50.80 0.17
N TRP A 117 -13.75 -50.12 -0.21
CA TRP A 117 -15.02 -50.33 0.47
C TRP A 117 -15.51 -51.76 0.26
N GLY A 118 -15.41 -52.27 -0.97
CA GLY A 118 -15.82 -53.63 -1.24
C GLY A 118 -14.96 -54.65 -0.53
N LEU A 119 -13.64 -54.45 -0.53
CA LEU A 119 -12.75 -55.36 0.16
C LEU A 119 -12.98 -55.34 1.67
N THR A 120 -13.45 -54.21 2.21
CA THR A 120 -13.68 -54.11 3.64
C THR A 120 -14.92 -54.91 4.05
N PHE A 121 -16.03 -54.74 3.34
CA PHE A 121 -17.31 -55.26 3.79
C PHE A 121 -17.81 -56.48 3.03
N PHE A 122 -17.16 -56.89 1.93
CA PHE A 122 -17.55 -58.07 1.17
C PHE A 122 -16.38 -59.05 1.19
N PRO A 123 -16.29 -59.89 2.22
CA PRO A 123 -15.09 -60.72 2.39
C PRO A 123 -14.85 -61.72 1.27
N SER A 124 -15.86 -62.07 0.49
CA SER A 124 -15.69 -63.14 -0.49
C SER A 124 -14.71 -62.76 -1.60
N ILE A 125 -14.58 -61.47 -1.90
CA ILE A 125 -13.71 -61.03 -3.00
C ILE A 125 -12.26 -60.87 -2.57
N ARG A 126 -11.95 -61.05 -1.28
CA ARG A 126 -10.58 -60.87 -0.82
C ARG A 126 -9.63 -61.90 -1.41
N SER A 127 -10.12 -63.11 -1.67
CA SER A 127 -9.32 -64.16 -2.29
C SER A 127 -9.40 -64.15 -3.81
N LYS A 128 -10.05 -63.15 -4.41
CA LYS A 128 -10.21 -63.08 -5.84
C LYS A 128 -9.50 -61.90 -6.49
N VAL A 129 -9.01 -60.93 -5.71
CA VAL A 129 -8.28 -59.79 -6.23
C VAL A 129 -6.82 -59.98 -5.83
N ASP A 130 -5.93 -60.07 -6.83
CA ASP A 130 -4.52 -60.31 -6.53
C ASP A 130 -3.79 -59.03 -6.14
N ARG A 131 -4.24 -57.88 -6.64
CA ARG A 131 -3.60 -56.61 -6.32
C ARG A 131 -4.56 -55.49 -6.67
N LEU A 132 -4.25 -54.30 -6.17
CA LEU A 132 -5.04 -53.10 -6.44
C LEU A 132 -4.11 -51.96 -6.80
N MET A 133 -4.35 -51.33 -7.95
CA MET A 133 -3.58 -50.18 -8.42
C MET A 133 -4.52 -48.98 -8.45
N ALA A 134 -4.47 -48.17 -7.39
CA ALA A 134 -5.38 -47.05 -7.22
C ALA A 134 -4.67 -45.74 -7.58
N PHE A 135 -5.27 -44.99 -8.50
CA PHE A 135 -4.76 -43.68 -8.88
C PHE A 135 -5.63 -42.60 -8.26
N ALA A 136 -5.01 -41.71 -7.49
CA ALA A 136 -5.68 -40.65 -6.76
C ALA A 136 -6.94 -41.11 -6.02
N PRO A 137 -6.83 -42.14 -5.19
CA PRO A 137 -8.00 -42.55 -4.39
C PRO A 137 -8.24 -41.61 -3.23
N ASP A 138 -9.50 -41.50 -2.83
CA ASP A 138 -9.91 -40.63 -1.75
C ASP A 138 -10.50 -41.48 -0.63
N TYR A 139 -9.64 -42.24 0.05
CA TYR A 139 -10.10 -43.08 1.15
C TYR A 139 -10.62 -42.25 2.31
N LYS A 140 -10.08 -41.04 2.50
CA LYS A 140 -10.55 -40.13 3.53
C LYS A 140 -11.51 -39.08 2.99
N GLY A 141 -11.94 -39.22 1.74
CA GLY A 141 -12.72 -38.17 1.11
C GLY A 141 -11.83 -37.01 0.72
N THR A 142 -12.46 -35.84 0.57
CA THR A 142 -11.73 -34.64 0.20
C THR A 142 -12.24 -33.45 1.02
N VAL A 143 -11.32 -32.55 1.37
CA VAL A 143 -11.69 -31.32 2.08
C VAL A 143 -12.05 -30.20 1.13
N LEU A 144 -11.85 -30.39 -0.18
CA LEU A 144 -12.16 -29.36 -1.16
C LEU A 144 -13.63 -29.45 -1.51
N ALA A 145 -14.39 -28.41 -1.17
CA ALA A 145 -15.81 -28.45 -1.48
C ALA A 145 -16.00 -28.31 -2.98
N GLY A 146 -17.19 -28.67 -3.44
CA GLY A 146 -17.48 -28.64 -4.85
C GLY A 146 -17.47 -27.22 -5.35
N PRO A 147 -17.24 -27.02 -6.64
CA PRO A 147 -17.22 -25.66 -7.17
C PRO A 147 -18.59 -25.03 -7.00
N LEU A 148 -18.78 -24.45 -5.81
CA LEU A 148 -20.02 -23.83 -5.37
C LEU A 148 -21.15 -24.86 -5.31
N ASP A 149 -20.88 -25.93 -4.57
CA ASP A 149 -21.91 -26.92 -4.33
C ASP A 149 -22.33 -26.88 -2.86
N ALA A 150 -22.84 -25.72 -2.43
CA ALA A 150 -23.24 -25.53 -1.05
C ALA A 150 -24.63 -24.93 -0.89
N LEU A 151 -25.23 -24.39 -1.95
CA LEU A 151 -26.59 -23.87 -1.90
C LEU A 151 -27.59 -24.74 -2.67
N ALA A 152 -27.11 -25.66 -3.51
CA ALA A 152 -27.97 -26.52 -4.31
C ALA A 152 -27.79 -27.99 -3.99
N GLY A 153 -27.03 -28.31 -2.94
CA GLY A 153 -26.77 -29.69 -2.62
C GLY A 153 -25.72 -30.29 -3.54
N SER A 154 -25.58 -31.61 -3.46
CA SER A 154 -24.59 -32.30 -4.26
C SER A 154 -25.05 -33.74 -4.49
N ALA A 155 -24.42 -34.39 -5.45
CA ALA A 155 -24.72 -35.78 -5.75
C ALA A 155 -24.46 -36.66 -4.53
N PRO A 156 -25.20 -37.77 -4.41
CA PRO A 156 -24.98 -38.69 -3.27
C PRO A 156 -23.52 -39.09 -3.09
N SER A 157 -22.85 -39.45 -4.18
CA SER A 157 -21.44 -39.83 -4.08
C SER A 157 -20.56 -38.65 -3.68
N VAL A 158 -20.98 -37.43 -4.00
CA VAL A 158 -20.20 -36.25 -3.60
C VAL A 158 -20.37 -35.98 -2.12
N TRP A 159 -21.57 -36.20 -1.58
CA TRP A 159 -21.77 -36.14 -0.13
C TRP A 159 -20.84 -37.11 0.59
N GLN A 160 -20.78 -38.35 0.10
CA GLN A 160 -20.03 -39.40 0.78
C GLN A 160 -18.53 -39.23 0.62
N GLN A 161 -18.08 -38.48 -0.38
CA GLN A 161 -16.65 -38.21 -0.57
C GLN A 161 -16.20 -36.93 0.13
N THR A 162 -17.08 -36.30 0.91
CA THR A 162 -16.68 -35.16 1.71
C THR A 162 -15.99 -35.64 2.98
N THR A 163 -14.90 -34.97 3.36
CA THR A 163 -14.19 -35.31 4.58
C THR A 163 -15.13 -35.25 5.78
N GLY A 164 -15.06 -36.28 6.63
CA GLY A 164 -15.94 -36.35 7.77
C GLY A 164 -17.31 -36.95 7.50
N SER A 165 -17.55 -37.43 6.29
CA SER A 165 -18.83 -38.04 5.96
C SER A 165 -19.01 -39.32 6.76
N ALA A 166 -20.27 -39.78 6.84
CA ALA A 166 -20.55 -41.05 7.50
C ALA A 166 -19.87 -42.20 6.78
N LEU A 167 -19.81 -42.14 5.45
CA LEU A 167 -19.18 -43.21 4.69
C LEU A 167 -17.68 -43.29 4.97
N THR A 168 -16.97 -42.17 4.82
CA THR A 168 -15.54 -42.16 5.08
C THR A 168 -15.25 -42.48 6.54
N THR A 169 -16.13 -42.07 7.45
CA THR A 169 -15.97 -42.42 8.86
C THR A 169 -16.09 -43.93 9.06
N ALA A 170 -17.07 -44.55 8.42
CA ALA A 170 -17.29 -45.98 8.61
C ALA A 170 -16.17 -46.82 8.00
N LEU A 171 -15.64 -46.40 6.85
CA LEU A 171 -14.53 -47.14 6.25
C LEU A 171 -13.30 -47.09 7.14
N ARG A 172 -13.01 -45.94 7.72
CA ARG A 172 -11.87 -45.81 8.62
C ARG A 172 -12.07 -46.66 9.87
N ASN A 173 -13.23 -46.54 10.50
CA ASN A 173 -13.48 -47.22 11.77
C ASN A 173 -13.59 -48.73 11.62
N ALA A 174 -13.92 -49.23 10.43
CA ALA A 174 -13.98 -50.66 10.19
C ALA A 174 -12.62 -51.26 9.87
N GLY A 175 -11.55 -50.48 9.90
CA GLY A 175 -10.23 -50.95 9.55
C GLY A 175 -9.89 -50.85 8.09
N GLY A 176 -10.63 -50.04 7.32
CA GLY A 176 -10.46 -49.96 5.88
C GLY A 176 -9.30 -49.10 5.41
N LEU A 177 -8.61 -48.41 6.30
CA LEU A 177 -7.45 -47.63 5.91
C LEU A 177 -6.15 -48.44 5.96
N THR A 178 -6.25 -49.75 6.20
CA THR A 178 -5.14 -50.68 6.05
C THR A 178 -5.39 -51.53 4.82
N GLN A 179 -4.34 -51.76 4.03
CA GLN A 179 -4.50 -52.52 2.80
C GLN A 179 -5.01 -53.92 3.11
N ILE A 180 -5.84 -54.45 2.22
CA ILE A 180 -6.41 -55.78 2.37
C ILE A 180 -5.82 -56.74 1.36
N VAL A 181 -5.55 -56.27 0.14
CA VAL A 181 -4.76 -56.99 -0.85
C VAL A 181 -3.54 -56.13 -1.14
N PRO A 182 -2.52 -56.64 -1.85
CA PRO A 182 -1.39 -55.77 -2.23
C PRO A 182 -1.89 -54.56 -3.00
N THR A 183 -1.68 -53.38 -2.42
CA THR A 183 -2.25 -52.14 -2.94
C THR A 183 -1.14 -51.13 -3.21
N THR A 184 -1.22 -50.49 -4.37
CA THR A 184 -0.37 -49.35 -4.72
C THR A 184 -1.24 -48.12 -4.88
N ASN A 185 -0.84 -47.03 -4.23
CA ASN A 185 -1.57 -45.76 -4.31
C ASN A 185 -0.66 -44.71 -4.94
N LEU A 186 -1.05 -44.23 -6.10
CA LEU A 186 -0.34 -43.16 -6.80
C LEU A 186 -1.17 -41.89 -6.69
N TYR A 187 -0.60 -40.85 -6.08
CA TYR A 187 -1.30 -39.60 -5.91
C TYR A 187 -0.30 -38.45 -5.95
N SER A 188 -0.82 -37.23 -5.86
CA SER A 188 -0.01 -36.03 -5.99
C SER A 188 -0.47 -34.98 -4.99
N ALA A 189 0.48 -34.19 -4.52
CA ALA A 189 0.16 -33.07 -3.64
C ALA A 189 -0.59 -31.97 -4.38
N THR A 190 -0.50 -31.93 -5.71
CA THR A 190 -1.16 -30.93 -6.51
C THR A 190 -2.57 -31.35 -6.94
N ASP A 191 -3.10 -32.43 -6.37
CA ASP A 191 -4.45 -32.86 -6.69
C ASP A 191 -5.45 -31.75 -6.36
N GLU A 192 -6.16 -31.28 -7.39
CA GLU A 192 -7.10 -30.17 -7.23
C GLU A 192 -8.50 -30.65 -6.86
N ILE A 193 -8.71 -31.95 -6.71
CA ILE A 193 -9.99 -32.50 -6.31
C ILE A 193 -9.91 -33.25 -4.99
N VAL A 194 -8.86 -34.04 -4.78
CA VAL A 194 -8.70 -34.83 -3.57
C VAL A 194 -7.60 -34.19 -2.73
N GLN A 195 -7.97 -33.72 -1.55
CA GLN A 195 -7.03 -33.16 -0.58
C GLN A 195 -7.53 -33.54 0.82
N PRO A 196 -6.62 -33.59 1.82
CA PRO A 196 -5.19 -33.28 1.75
C PRO A 196 -4.33 -34.43 1.22
N GLN A 197 -3.26 -34.07 0.49
CA GLN A 197 -2.33 -35.03 -0.07
C GLN A 197 -0.89 -34.58 0.09
N VAL A 198 -0.62 -33.61 0.97
CA VAL A 198 0.64 -32.88 0.98
C VAL A 198 1.59 -33.33 2.08
N SER A 199 1.26 -34.42 2.77
CA SER A 199 2.06 -34.83 3.92
C SER A 199 2.98 -36.01 3.64
N ASN A 200 2.72 -36.76 2.57
CA ASN A 200 3.45 -38.01 2.29
C ASN A 200 3.44 -38.90 3.52
N SER A 201 2.25 -39.07 4.09
CA SER A 201 2.08 -39.70 5.39
C SER A 201 0.65 -40.19 5.49
N PRO A 202 0.30 -40.93 6.56
CA PRO A 202 -1.10 -41.35 6.72
C PRO A 202 -2.10 -40.21 6.77
N LEU A 203 -1.66 -38.96 6.83
CA LEU A 203 -2.61 -37.84 6.78
C LEU A 203 -3.22 -37.68 5.40
N ASP A 204 -2.57 -38.18 4.36
CA ASP A 204 -3.07 -38.04 3.00
C ASP A 204 -4.28 -38.95 2.77
N SER A 205 -5.19 -38.47 1.93
CA SER A 205 -6.42 -39.20 1.65
C SER A 205 -6.17 -40.51 0.91
N SER A 206 -5.12 -40.57 0.10
CA SER A 206 -4.82 -41.77 -0.69
C SER A 206 -3.94 -42.77 0.06
N TYR A 207 -3.57 -42.49 1.30
CA TYR A 207 -2.63 -43.34 2.02
C TYR A 207 -3.35 -44.54 2.62
N LEU A 208 -2.78 -45.73 2.40
CA LEU A 208 -3.23 -46.95 3.04
C LEU A 208 -2.05 -47.58 3.78
N PHE A 209 -2.26 -47.94 5.04
CA PHE A 209 -1.20 -48.55 5.83
C PHE A 209 -0.80 -49.89 5.23
N ASN A 210 0.52 -50.12 5.16
CA ASN A 210 1.18 -51.27 4.55
C ASN A 210 1.09 -51.27 3.03
N GLY A 211 0.42 -50.29 2.43
CA GLY A 211 0.37 -50.20 0.98
C GLY A 211 1.64 -49.58 0.41
N LYS A 212 1.69 -49.57 -0.92
CA LYS A 212 2.76 -48.90 -1.66
C LYS A 212 2.24 -47.51 -2.03
N ASN A 213 2.42 -46.56 -1.12
CA ASN A 213 1.90 -45.21 -1.29
C ASN A 213 2.95 -44.36 -1.99
N VAL A 214 2.68 -43.98 -3.23
CA VAL A 214 3.64 -43.24 -4.04
C VAL A 214 3.08 -41.84 -4.25
N GLN A 215 3.58 -40.88 -3.47
CA GLN A 215 3.32 -39.48 -3.74
C GLN A 215 4.31 -39.00 -4.79
N ALA A 216 3.78 -38.37 -5.85
CA ALA A 216 4.62 -38.01 -6.98
C ALA A 216 5.74 -37.05 -6.56
N GLN A 217 5.45 -36.16 -5.62
CA GLN A 217 6.47 -35.20 -5.18
C GLN A 217 7.56 -35.89 -4.38
N ALA A 218 7.26 -37.01 -3.73
CA ALA A 218 8.29 -37.75 -3.01
C ALA A 218 9.29 -38.39 -3.97
N VAL A 219 8.82 -38.79 -5.15
CA VAL A 219 9.70 -39.42 -6.14
C VAL A 219 10.32 -38.39 -7.07
N CYS A 220 9.56 -37.34 -7.41
CA CYS A 220 9.92 -36.43 -8.48
C CYS A 220 10.40 -35.07 -7.99
N GLY A 221 10.22 -34.74 -6.73
CA GLY A 221 10.66 -33.47 -6.20
C GLY A 221 9.52 -32.65 -5.64
N PRO A 222 9.85 -31.71 -4.73
CA PRO A 222 8.80 -30.94 -4.06
C PRO A 222 8.09 -29.95 -4.97
N LEU A 223 8.71 -29.53 -6.07
CA LEU A 223 8.09 -28.61 -7.01
C LEU A 223 7.49 -29.32 -8.20
N PHE A 224 7.39 -30.65 -8.16
CA PHE A 224 6.74 -31.40 -9.22
C PHE A 224 5.25 -31.17 -9.19
N VAL A 225 4.66 -30.89 -10.35
CA VAL A 225 3.24 -30.59 -10.48
C VAL A 225 2.61 -31.66 -11.35
N ILE A 226 1.55 -32.29 -10.84
CA ILE A 226 0.75 -33.22 -11.63
C ILE A 226 -0.65 -33.24 -11.04
N ASP A 227 -1.64 -32.93 -11.86
CA ASP A 227 -2.99 -32.68 -11.37
C ASP A 227 -3.74 -34.00 -11.14
N HIS A 228 -5.05 -33.90 -10.94
CA HIS A 228 -5.86 -35.09 -10.68
C HIS A 228 -5.88 -36.00 -11.91
N ALA A 229 -6.22 -35.45 -13.07
CA ALA A 229 -6.28 -36.27 -14.28
C ALA A 229 -4.91 -36.82 -14.64
N GLY A 230 -3.86 -36.03 -14.44
CA GLY A 230 -2.52 -36.51 -14.71
C GLY A 230 -2.10 -37.66 -13.82
N SER A 231 -2.63 -37.69 -12.59
CA SER A 231 -2.31 -38.80 -11.69
C SER A 231 -2.71 -40.15 -12.26
N LEU A 232 -3.64 -40.17 -13.22
CA LEU A 232 -4.06 -41.39 -13.88
C LEU A 232 -3.38 -41.60 -15.23
N THR A 233 -3.22 -40.54 -16.03
CA THR A 233 -2.85 -40.66 -17.43
C THR A 233 -1.36 -40.41 -17.70
N SER A 234 -0.60 -39.93 -16.73
CA SER A 234 0.76 -39.49 -17.00
C SER A 234 1.68 -40.67 -17.33
N GLN A 235 2.79 -40.35 -17.99
CA GLN A 235 3.82 -41.34 -18.23
C GLN A 235 4.39 -41.86 -16.92
N PHE A 236 4.52 -40.98 -15.92
CA PHE A 236 4.91 -41.41 -14.59
C PHE A 236 3.90 -42.40 -14.02
N SER A 237 2.60 -42.12 -14.18
CA SER A 237 1.58 -43.03 -13.68
C SER A 237 1.62 -44.36 -14.42
N TYR A 238 1.92 -44.34 -15.72
CA TYR A 238 2.03 -45.59 -16.45
C TYR A 238 3.18 -46.43 -15.93
N VAL A 239 4.34 -45.79 -15.72
CA VAL A 239 5.50 -46.52 -15.22
C VAL A 239 5.21 -47.12 -13.85
N VAL A 240 4.57 -46.36 -12.97
CA VAL A 240 4.24 -46.86 -11.64
C VAL A 240 3.18 -47.96 -11.72
N GLY A 241 2.13 -47.73 -12.51
CA GLY A 241 1.09 -48.72 -12.63
C GLY A 241 1.57 -50.00 -13.29
N ARG A 242 2.35 -49.87 -14.36
CA ARG A 242 2.89 -51.04 -15.03
C ARG A 242 3.77 -51.84 -14.09
N SER A 243 4.51 -51.16 -13.22
CA SER A 243 5.33 -51.85 -12.21
C SER A 243 4.45 -52.63 -11.23
N ALA A 244 3.34 -52.04 -10.79
CA ALA A 244 2.46 -52.72 -9.85
C ALA A 244 1.81 -53.94 -10.48
N LEU A 245 1.50 -53.87 -11.77
CA LEU A 245 0.85 -54.99 -12.44
C LEU A 245 1.83 -56.13 -12.70
N ARG A 246 3.08 -55.79 -13.01
CA ARG A 246 4.09 -56.81 -13.32
C ARG A 246 4.67 -57.46 -12.08
N SER A 247 4.53 -56.84 -10.92
CA SER A 247 5.32 -57.22 -9.75
C SER A 247 4.83 -58.53 -9.15
N THR A 248 5.78 -59.36 -8.72
CA THR A 248 5.47 -60.61 -8.05
C THR A 248 5.00 -60.41 -6.61
N THR A 249 5.20 -59.22 -6.04
CA THR A 249 4.71 -58.92 -4.70
C THR A 249 3.34 -58.27 -4.71
N GLY A 250 2.83 -57.89 -5.87
CA GLY A 250 1.54 -57.22 -5.97
C GLY A 250 1.57 -55.72 -5.78
N GLN A 251 2.74 -55.14 -5.52
CA GLN A 251 2.89 -53.71 -5.34
C GLN A 251 3.94 -53.18 -6.30
N ALA A 252 3.82 -51.90 -6.66
CA ALA A 252 4.85 -51.27 -7.46
C ALA A 252 6.20 -51.33 -6.73
N ARG A 253 7.26 -51.48 -7.51
CA ARG A 253 8.61 -51.64 -6.97
C ARG A 253 9.42 -50.38 -7.25
N SER A 254 10.08 -49.87 -6.19
CA SER A 254 10.83 -48.62 -6.32
C SER A 254 11.97 -48.73 -7.33
N ALA A 255 12.46 -49.93 -7.60
CA ALA A 255 13.51 -50.12 -8.60
C ALA A 255 12.98 -50.03 -10.03
N ASP A 256 11.66 -50.06 -10.23
CA ASP A 256 11.07 -50.01 -11.55
C ASP A 256 10.84 -48.60 -12.06
N TYR A 257 10.91 -47.59 -11.21
CA TYR A 257 10.69 -46.22 -11.63
C TYR A 257 11.68 -45.32 -10.90
N GLY A 258 11.90 -44.15 -11.48
CA GLY A 258 12.82 -43.22 -10.91
C GLY A 258 12.52 -41.82 -11.37
N ILE A 259 13.46 -40.91 -11.09
CA ILE A 259 13.28 -39.51 -11.40
C ILE A 259 13.27 -39.28 -12.90
N THR A 260 13.87 -40.19 -13.68
CA THR A 260 13.82 -40.11 -15.15
C THR A 260 12.45 -40.43 -15.73
N ASP A 261 11.53 -40.98 -14.94
CA ASP A 261 10.17 -41.28 -15.39
C ASP A 261 9.17 -40.21 -15.01
N CYS A 262 9.64 -39.09 -14.46
CA CYS A 262 8.77 -38.05 -13.91
C CYS A 262 8.25 -37.16 -15.05
N ASN A 263 7.31 -37.71 -15.80
CA ASN A 263 6.67 -37.02 -16.91
C ASN A 263 5.17 -36.88 -16.61
N PRO A 264 4.67 -35.67 -16.33
CA PRO A 264 3.24 -35.52 -16.01
C PRO A 264 2.33 -35.52 -17.23
N LEU A 265 2.88 -35.48 -18.44
CA LEU A 265 2.09 -35.52 -19.66
C LEU A 265 1.61 -36.95 -19.92
N PRO A 266 0.57 -37.11 -20.75
CA PRO A 266 0.02 -38.45 -20.99
C PRO A 266 1.10 -39.44 -21.42
N ALA A 267 0.84 -40.72 -21.14
CA ALA A 267 1.82 -41.78 -21.35
C ALA A 267 2.35 -41.76 -22.78
N ASN A 268 3.65 -42.03 -22.92
CA ASN A 268 4.30 -41.94 -24.23
C ASN A 268 3.69 -42.91 -25.23
N ASP A 269 3.26 -44.09 -24.76
CA ASP A 269 2.75 -45.11 -25.68
C ASP A 269 1.39 -44.76 -26.26
N LEU A 270 0.69 -43.77 -25.71
CA LEU A 270 -0.60 -43.38 -26.28
C LEU A 270 -0.40 -42.70 -27.63
N THR A 271 -1.36 -42.93 -28.53
CA THR A 271 -1.37 -42.27 -29.82
C THR A 271 -1.66 -40.78 -29.64
N PRO A 272 -1.30 -39.95 -30.64
CA PRO A 272 -1.63 -38.51 -30.54
C PRO A 272 -3.11 -38.23 -30.30
N GLU A 273 -4.03 -39.02 -30.85
CA GLU A 273 -5.44 -38.79 -30.53
C GLU A 273 -5.72 -39.11 -29.07
N GLN A 274 -5.05 -40.14 -28.54
CA GLN A 274 -5.30 -40.58 -27.17
C GLN A 274 -4.75 -39.59 -26.14
N LYS A 275 -3.59 -39.00 -26.42
CA LYS A 275 -3.06 -38.00 -25.50
C LYS A 275 -3.96 -36.78 -25.40
N VAL A 276 -4.48 -36.30 -26.54
CA VAL A 276 -5.40 -35.16 -26.51
C VAL A 276 -6.68 -35.55 -25.79
N ALA A 277 -7.18 -36.76 -26.05
CA ALA A 277 -8.37 -37.22 -25.34
C ALA A 277 -8.10 -37.41 -23.85
N ALA A 278 -6.89 -37.83 -23.50
CA ALA A 278 -6.55 -38.01 -22.09
C ALA A 278 -6.54 -36.67 -21.35
N ALA A 279 -6.19 -35.58 -22.04
CA ALA A 279 -6.19 -34.27 -21.41
C ALA A 279 -7.59 -33.78 -21.08
N ALA A 280 -8.62 -34.27 -21.80
CA ALA A 280 -10.00 -33.92 -21.53
C ALA A 280 -10.70 -34.95 -20.65
N LEU A 281 -9.95 -35.60 -19.76
CA LEU A 281 -10.51 -36.68 -18.95
C LEU A 281 -11.68 -36.21 -18.09
N LEU A 282 -11.54 -35.05 -17.45
CA LEU A 282 -12.52 -34.57 -16.47
C LEU A 282 -13.65 -33.77 -17.10
N ALA A 283 -13.72 -33.70 -18.43
CA ALA A 283 -14.82 -32.97 -19.07
C ALA A 283 -16.19 -33.49 -18.67
N PRO A 284 -16.46 -34.81 -18.64
CA PRO A 284 -17.75 -35.25 -18.12
C PRO A 284 -17.90 -35.01 -16.63
N TYR A 285 -16.81 -35.04 -15.88
CA TYR A 285 -16.88 -34.74 -14.44
C TYR A 285 -17.31 -33.30 -14.19
N TYR A 286 -16.72 -32.36 -14.94
CA TYR A 286 -17.10 -30.96 -14.81
C TYR A 286 -18.59 -30.76 -15.06
N ALA A 287 -19.12 -31.41 -16.09
CA ALA A 287 -20.54 -31.29 -16.38
C ALA A 287 -21.40 -31.87 -15.26
N ALA A 288 -20.93 -32.97 -14.66
CA ALA A 288 -21.72 -33.65 -13.64
C ALA A 288 -21.85 -32.82 -12.37
N ILE A 289 -20.79 -32.12 -11.96
CA ILE A 289 -20.85 -31.39 -10.70
C ILE A 289 -21.69 -30.12 -10.82
N VAL A 290 -21.86 -29.58 -12.03
CA VAL A 290 -22.57 -28.33 -12.21
C VAL A 290 -24.00 -28.59 -12.67
N ALA A 291 -24.22 -29.69 -13.39
CA ALA A 291 -25.53 -29.96 -13.98
C ALA A 291 -26.01 -31.39 -13.76
N GLY A 292 -25.40 -32.13 -12.85
CA GLY A 292 -25.81 -33.49 -12.57
C GLY A 292 -26.82 -33.57 -11.44
N PRO A 293 -27.25 -34.78 -11.11
CA PRO A 293 -28.20 -34.96 -10.00
C PRO A 293 -27.62 -34.48 -8.69
N LYS A 294 -28.52 -34.00 -7.81
CA LYS A 294 -28.15 -33.47 -6.51
C LYS A 294 -29.20 -33.86 -5.49
N GLN A 295 -28.76 -34.04 -4.24
CA GLN A 295 -29.68 -34.26 -3.13
C GLN A 295 -29.18 -33.49 -1.93
N ASN A 296 -30.02 -33.43 -0.89
CA ASN A 296 -29.83 -32.49 0.21
C ASN A 296 -29.34 -33.14 1.49
N CYS A 297 -28.88 -34.39 1.43
CA CYS A 297 -28.34 -35.06 2.61
C CYS A 297 -27.46 -36.22 2.16
N GLU A 298 -26.59 -36.65 3.07
CA GLU A 298 -25.76 -37.81 2.74
C GLU A 298 -26.59 -39.09 2.82
N PRO A 299 -26.48 -39.98 1.84
CA PRO A 299 -27.25 -41.22 1.87
C PRO A 299 -27.03 -42.00 3.17
N ASP A 300 -28.08 -42.68 3.61
CA ASP A 300 -27.98 -43.51 4.81
C ASP A 300 -26.98 -44.64 4.58
N LEU A 301 -26.36 -45.08 5.67
CA LEU A 301 -25.45 -46.21 5.62
C LEU A 301 -26.23 -47.51 5.55
N MET A 302 -25.70 -48.45 4.78
CA MET A 302 -26.27 -49.79 4.73
C MET A 302 -26.09 -50.48 6.07
N PRO A 303 -26.93 -51.47 6.37
CA PRO A 303 -26.85 -52.11 7.70
C PRO A 303 -25.48 -52.69 8.03
N TYR A 304 -24.72 -53.16 7.04
CA TYR A 304 -23.42 -53.74 7.35
C TYR A 304 -22.40 -52.68 7.77
N ALA A 305 -22.54 -51.45 7.28
CA ALA A 305 -21.59 -50.39 7.57
C ALA A 305 -22.12 -49.37 8.59
N ARG A 306 -23.41 -49.41 8.89
N ARG A 306 -23.41 -49.41 8.89
CA ARG A 306 -23.99 -48.44 9.83
CA ARG A 306 -23.97 -48.44 9.83
C ARG A 306 -23.33 -48.45 11.20
C ARG A 306 -23.32 -48.45 11.21
N PRO A 307 -23.01 -49.59 11.83
CA PRO A 307 -22.41 -49.55 13.17
C PRO A 307 -21.05 -48.84 13.26
N PHE A 308 -20.38 -48.57 12.14
CA PHE A 308 -19.03 -48.02 12.17
C PHE A 308 -18.98 -46.51 12.03
N ALA A 309 -20.10 -45.82 12.13
CA ALA A 309 -20.12 -44.36 11.99
C ALA A 309 -21.14 -43.75 12.95
N VAL A 310 -21.13 -44.20 14.20
CA VAL A 310 -22.06 -43.67 15.20
C VAL A 310 -21.79 -42.19 15.43
N GLY A 311 -22.85 -41.38 15.40
CA GLY A 311 -22.78 -39.96 15.63
C GLY A 311 -22.91 -39.11 14.37
N LYS A 312 -22.70 -39.69 13.20
CA LYS A 312 -22.79 -38.93 11.96
C LYS A 312 -24.22 -38.88 11.43
N ARG A 313 -24.55 -37.77 10.79
CA ARG A 313 -25.90 -37.49 10.32
C ARG A 313 -26.02 -37.82 8.84
N THR A 314 -27.00 -38.64 8.50
CA THR A 314 -27.35 -38.94 7.12
C THR A 314 -28.80 -38.50 6.88
N CYS A 315 -29.38 -38.97 5.77
CA CYS A 315 -30.71 -38.52 5.40
C CYS A 315 -31.74 -38.88 6.45
N SER A 316 -31.60 -40.05 7.09
CA SER A 316 -32.57 -40.45 8.10
C SER A 316 -32.33 -39.77 9.44
N GLY A 317 -31.14 -39.24 9.67
CA GLY A 317 -30.83 -38.64 10.95
C GLY A 317 -29.48 -39.10 11.46
N ILE A 318 -29.33 -39.16 12.78
CA ILE A 318 -28.09 -39.58 13.42
C ILE A 318 -28.13 -41.10 13.52
N VAL A 319 -27.04 -41.74 13.08
CA VAL A 319 -26.84 -43.19 13.09
C VAL A 319 -27.40 -43.86 14.33
N THR A 320 -27.08 -43.35 15.51
CA THR A 320 -27.62 -43.94 16.75
C THR A 320 -28.06 -42.87 17.74
N MET B 3 -15.65 6.19 -24.75
CA MET B 3 -14.48 5.85 -25.54
C MET B 3 -13.26 6.66 -25.07
N ALA B 4 -13.50 7.57 -24.14
CA ALA B 4 -12.43 8.42 -23.63
C ALA B 4 -11.49 7.63 -22.73
N LEU B 5 -10.23 8.04 -22.72
CA LEU B 5 -9.17 7.41 -21.95
C LEU B 5 -8.33 8.50 -21.31
N PRO B 6 -7.56 8.17 -20.27
CA PRO B 6 -6.61 9.15 -19.73
C PRO B 6 -5.69 9.68 -20.81
N SER B 7 -5.45 11.00 -20.76
CA SER B 7 -4.62 11.68 -21.73
C SER B 7 -3.59 12.53 -21.00
N GLY B 8 -2.68 13.11 -21.76
CA GLY B 8 -1.67 13.98 -21.21
C GLY B 8 -0.36 13.27 -20.94
N SER B 9 0.43 13.87 -20.06
CA SER B 9 1.75 13.34 -19.73
C SER B 9 1.63 12.05 -18.94
N ASP B 10 2.64 11.19 -19.08
CA ASP B 10 2.71 9.98 -18.27
C ASP B 10 2.88 10.36 -16.80
N PRO B 11 2.25 9.61 -15.89
CA PRO B 11 2.54 9.80 -14.46
C PRO B 11 3.99 9.47 -14.15
N ALA B 12 4.48 10.05 -13.06
CA ALA B 12 5.85 9.81 -12.65
C ALA B 12 6.00 8.42 -12.03
N PHE B 13 7.13 7.78 -12.30
CA PHE B 13 7.42 6.49 -11.70
C PHE B 13 7.74 6.66 -10.22
N SER B 14 7.24 5.73 -9.39
CA SER B 14 7.58 5.73 -7.98
C SER B 14 8.93 5.07 -7.70
N GLN B 15 9.47 4.34 -8.67
CA GLN B 15 10.77 3.70 -8.56
C GLN B 15 11.80 4.44 -9.41
N PRO B 16 13.05 4.49 -8.98
CA PRO B 16 14.10 5.07 -9.83
C PRO B 16 14.26 4.24 -11.10
N LYS B 17 14.65 4.93 -12.18
CA LYS B 17 14.74 4.27 -13.47
C LYS B 17 15.79 3.17 -13.49
N SER B 18 16.84 3.30 -12.67
CA SER B 18 17.84 2.24 -12.59
C SER B 18 17.28 0.95 -12.01
N VAL B 19 16.33 1.06 -11.07
CA VAL B 19 15.69 -0.13 -10.54
C VAL B 19 14.82 -0.79 -11.60
N LEU B 20 14.02 0.01 -12.31
CA LEU B 20 13.18 -0.54 -13.37
C LEU B 20 14.02 -1.09 -14.52
N ASP B 21 15.17 -0.46 -14.81
CA ASP B 21 16.07 -1.02 -15.81
C ASP B 21 16.63 -2.37 -15.38
N ALA B 22 16.84 -2.56 -14.08
CA ALA B 22 17.41 -3.81 -13.59
C ALA B 22 16.48 -4.99 -13.78
N GLY B 23 15.17 -4.76 -13.90
CA GLY B 23 14.22 -5.82 -14.09
C GLY B 23 14.01 -6.24 -15.53
N LEU B 24 14.68 -5.61 -16.48
CA LEU B 24 14.50 -5.89 -17.90
C LEU B 24 15.70 -6.67 -18.42
N THR B 25 15.42 -7.78 -19.10
CA THR B 25 16.45 -8.63 -19.68
C THR B 25 16.04 -9.05 -21.08
N CYS B 26 17.01 -9.06 -22.00
CA CYS B 26 16.82 -9.58 -23.34
C CYS B 26 17.77 -10.75 -23.55
N GLN B 27 17.30 -11.77 -24.27
CA GLN B 27 18.10 -12.96 -24.53
C GLN B 27 19.11 -12.64 -25.62
N GLY B 28 20.39 -12.63 -25.27
CA GLY B 28 21.44 -12.43 -26.25
C GLY B 28 21.51 -11.03 -26.83
N ALA B 29 21.00 -10.03 -26.13
CA ALA B 29 21.01 -8.67 -26.65
C ALA B 29 20.83 -7.69 -25.50
N SER B 30 21.32 -6.48 -25.71
CA SER B 30 21.08 -5.38 -24.79
C SER B 30 19.77 -4.67 -25.17
N PRO B 31 18.99 -4.23 -24.18
CA PRO B 31 17.72 -3.55 -24.51
C PRO B 31 17.90 -2.31 -25.36
N SER B 32 19.05 -1.63 -25.26
CA SER B 32 19.29 -0.41 -26.02
C SER B 32 19.79 -0.68 -27.43
N SER B 33 20.05 -1.94 -27.79
CA SER B 33 20.49 -2.32 -29.14
C SER B 33 19.99 -3.74 -29.37
N VAL B 34 18.71 -3.84 -29.74
CA VAL B 34 18.01 -5.12 -29.86
C VAL B 34 17.29 -5.16 -31.20
N SER B 35 17.30 -6.33 -31.84
CA SER B 35 16.67 -6.53 -33.12
C SER B 35 15.34 -7.25 -32.94
N LYS B 36 14.26 -6.64 -33.43
CA LYS B 36 12.92 -7.21 -33.37
C LYS B 36 12.56 -7.76 -32.00
N PRO B 37 12.53 -6.91 -30.97
CA PRO B 37 12.25 -7.40 -29.62
C PRO B 37 10.77 -7.71 -29.43
N ILE B 38 10.50 -8.58 -28.46
CA ILE B 38 9.16 -8.83 -27.97
C ILE B 38 9.21 -8.81 -26.45
N LEU B 39 8.32 -8.04 -25.84
CA LEU B 39 8.28 -7.91 -24.39
C LEU B 39 7.34 -8.94 -23.81
N LEU B 40 7.86 -9.80 -22.94
CA LEU B 40 7.08 -10.82 -22.25
C LEU B 40 6.87 -10.38 -20.80
N VAL B 41 5.62 -10.31 -20.38
CA VAL B 41 5.27 -9.91 -19.02
C VAL B 41 4.73 -11.13 -18.30
N PRO B 42 5.36 -11.57 -17.22
CA PRO B 42 4.99 -12.84 -16.58
C PRO B 42 3.73 -12.68 -15.72
N GLY B 43 3.30 -13.81 -15.15
CA GLY B 43 2.13 -13.85 -14.31
C GLY B 43 2.45 -13.80 -12.83
N THR B 44 1.39 -13.83 -12.03
CA THR B 44 1.52 -13.77 -10.58
C THR B 44 2.35 -14.94 -10.06
N GLY B 45 3.25 -14.65 -9.12
CA GLY B 45 4.04 -15.67 -8.47
C GLY B 45 5.19 -16.21 -9.29
N THR B 46 5.54 -15.56 -10.39
CA THR B 46 6.61 -16.05 -11.26
C THR B 46 7.46 -14.88 -11.74
N THR B 47 8.63 -15.21 -12.27
CA THR B 47 9.48 -14.27 -12.96
C THR B 47 9.31 -14.47 -14.47
N GLY B 48 9.98 -13.63 -15.25
CA GLY B 48 9.98 -13.74 -16.69
C GLY B 48 10.42 -15.11 -17.18
N PRO B 49 11.62 -15.54 -16.77
CA PRO B 49 12.07 -16.88 -17.17
C PRO B 49 11.16 -18.00 -16.65
N GLN B 50 10.66 -17.89 -15.43
CA GLN B 50 9.79 -18.95 -14.91
C GLN B 50 8.51 -19.08 -15.72
N SER B 51 8.02 -17.97 -16.29
CA SER B 51 6.76 -18.01 -17.04
C SER B 51 6.96 -18.45 -18.48
N PHE B 52 8.13 -18.18 -19.08
CA PHE B 52 8.29 -18.32 -20.52
C PHE B 52 9.48 -19.17 -20.96
N ASP B 53 10.35 -19.62 -20.04
CA ASP B 53 11.48 -20.46 -20.45
C ASP B 53 11.00 -21.70 -21.19
N SER B 54 9.89 -22.29 -20.74
CA SER B 54 9.40 -23.53 -21.32
C SER B 54 8.50 -23.31 -22.52
N ASN B 55 8.12 -22.07 -22.83
CA ASN B 55 7.19 -21.84 -23.92
C ASN B 55 7.61 -20.69 -24.83
N TRP B 56 7.24 -19.46 -24.50
CA TRP B 56 7.32 -18.39 -25.49
C TRP B 56 8.69 -17.75 -25.61
N ILE B 57 9.64 -18.06 -24.72
CA ILE B 57 11.00 -17.59 -24.95
C ILE B 57 11.59 -18.39 -26.12
N PRO B 58 11.53 -19.73 -26.11
CA PRO B 58 12.00 -20.44 -27.31
C PRO B 58 11.07 -20.30 -28.51
N LEU B 59 9.76 -20.24 -28.30
CA LEU B 59 8.83 -20.18 -29.44
C LEU B 59 8.94 -18.85 -30.18
N SER B 60 9.03 -17.74 -29.44
CA SER B 60 9.20 -16.44 -30.10
C SER B 60 10.57 -16.30 -30.73
N ALA B 61 11.60 -16.92 -30.11
CA ALA B 61 12.93 -16.88 -30.71
C ALA B 61 12.97 -17.61 -32.04
N GLN B 62 12.21 -18.69 -32.18
CA GLN B 62 12.14 -19.42 -33.43
C GLN B 62 11.26 -18.75 -34.47
N LEU B 63 10.44 -17.78 -34.06
CA LEU B 63 9.68 -16.96 -34.99
C LEU B 63 10.45 -15.75 -35.49
N GLY B 64 11.66 -15.53 -34.98
CA GLY B 64 12.51 -14.45 -35.43
C GLY B 64 12.65 -13.30 -34.46
N TYR B 65 12.02 -13.37 -33.29
CA TYR B 65 12.06 -12.30 -32.30
C TYR B 65 13.25 -12.46 -31.37
N THR B 66 13.61 -11.35 -30.72
CA THR B 66 14.56 -11.39 -29.61
C THR B 66 13.76 -11.41 -28.33
N PRO B 67 13.75 -12.52 -27.58
CA PRO B 67 12.93 -12.59 -26.36
C PRO B 67 13.45 -11.63 -25.30
N CYS B 68 12.58 -10.71 -24.87
CA CYS B 68 12.86 -9.83 -23.75
C CYS B 68 11.73 -9.95 -22.74
N TRP B 69 12.05 -9.70 -21.48
CA TRP B 69 11.07 -9.90 -20.41
C TRP B 69 11.40 -9.01 -19.22
N ILE B 70 10.41 -8.84 -18.36
CA ILE B 70 10.56 -8.11 -17.10
C ILE B 70 10.26 -9.06 -15.95
N SER B 71 10.91 -8.83 -14.81
CA SER B 71 10.72 -9.64 -13.61
C SER B 71 10.54 -8.74 -12.39
N PRO B 72 9.38 -8.10 -12.25
CA PRO B 72 9.13 -7.25 -11.07
C PRO B 72 9.15 -8.08 -9.79
N PRO B 73 9.99 -7.70 -8.81
CA PRO B 73 10.09 -8.34 -7.50
C PRO B 73 8.95 -7.98 -6.55
N PRO B 74 8.57 -8.91 -5.67
CA PRO B 74 9.05 -10.30 -5.67
C PRO B 74 8.07 -11.24 -6.39
N PHE B 75 8.50 -11.79 -7.53
CA PHE B 75 7.70 -12.76 -8.27
C PHE B 75 6.31 -12.21 -8.61
N MET B 76 6.24 -10.96 -9.06
CA MET B 76 4.97 -10.33 -9.45
C MET B 76 3.96 -10.25 -8.32
N LEU B 77 4.40 -10.39 -7.07
CA LEU B 77 3.48 -10.34 -5.94
C LEU B 77 3.25 -8.93 -5.41
N ASN B 78 4.09 -7.97 -5.80
CA ASN B 78 3.95 -6.60 -5.31
C ASN B 78 2.82 -5.87 -6.03
N ASP B 79 2.62 -4.62 -5.64
CA ASP B 79 1.63 -3.72 -6.20
C ASP B 79 1.64 -3.77 -7.73
N THR B 80 0.48 -4.06 -8.31
CA THR B 80 0.37 -4.13 -9.76
C THR B 80 0.71 -2.80 -10.42
N GLN B 81 0.42 -1.69 -9.74
CA GLN B 81 0.80 -0.38 -10.26
C GLN B 81 2.31 -0.24 -10.34
N VAL B 82 3.03 -0.82 -9.37
CA VAL B 82 4.49 -0.77 -9.40
C VAL B 82 5.03 -1.76 -10.42
N ASN B 83 4.38 -2.92 -10.56
CA ASN B 83 4.77 -3.87 -11.60
C ASN B 83 4.63 -3.25 -12.98
N THR B 84 3.66 -2.35 -13.15
CA THR B 84 3.44 -1.70 -14.44
C THR B 84 4.57 -0.72 -14.77
N GLU B 85 5.19 -0.13 -13.74
CA GLU B 85 6.32 0.77 -13.98
C GLU B 85 7.44 0.04 -14.73
N TYR B 86 7.65 -1.24 -14.41
CA TYR B 86 8.66 -2.02 -15.12
C TYR B 86 8.31 -2.17 -16.60
N MET B 87 7.03 -2.39 -16.91
CA MET B 87 6.65 -2.63 -18.30
C MET B 87 6.67 -1.33 -19.11
N VAL B 88 6.18 -0.23 -18.53
CA VAL B 88 6.20 1.05 -19.23
C VAL B 88 7.64 1.45 -19.55
N ASN B 89 8.53 1.35 -18.57
CA ASN B 89 9.94 1.66 -18.80
C ASN B 89 10.54 0.73 -19.84
N ALA B 90 10.15 -0.56 -19.82
CA ALA B 90 10.70 -1.51 -20.78
C ALA B 90 10.25 -1.18 -22.20
N ILE B 91 9.00 -0.75 -22.37
CA ILE B 91 8.51 -0.39 -23.69
C ILE B 91 9.27 0.80 -24.24
N THR B 92 9.45 1.83 -23.41
CA THR B 92 10.24 2.99 -23.81
C THR B 92 11.65 2.58 -24.22
N THR B 93 12.28 1.72 -23.42
CA THR B 93 13.65 1.28 -23.70
C THR B 93 13.70 0.45 -24.98
N LEU B 94 12.81 -0.54 -25.11
CA LEU B 94 12.86 -1.43 -26.26
C LEU B 94 12.44 -0.73 -27.55
N TYR B 95 11.55 0.26 -27.45
CA TYR B 95 11.19 1.05 -28.63
C TYR B 95 12.41 1.76 -29.19
N ALA B 96 13.12 2.52 -28.34
CA ALA B 96 14.34 3.19 -28.79
C ALA B 96 15.43 2.18 -29.11
N GLY B 97 15.51 1.09 -28.36
CA GLY B 97 16.56 0.11 -28.57
C GLY B 97 16.46 -0.64 -29.90
N SER B 98 15.29 -0.60 -30.54
CA SER B 98 15.10 -1.25 -31.83
C SER B 98 14.93 -0.23 -32.95
N GLY B 99 15.48 0.96 -32.78
CA GLY B 99 15.41 1.98 -33.81
C GLY B 99 14.08 2.69 -33.91
N ASN B 100 13.43 2.95 -32.78
CA ASN B 100 12.13 3.63 -32.74
C ASN B 100 11.10 2.92 -33.61
N ASN B 101 10.95 1.62 -33.35
CA ASN B 101 9.98 0.77 -34.04
C ASN B 101 9.05 0.16 -33.00
N LYS B 102 7.77 0.05 -33.35
CA LYS B 102 6.81 -0.57 -32.46
C LYS B 102 7.15 -2.03 -32.23
N LEU B 103 6.83 -2.52 -31.04
CA LEU B 103 7.14 -3.89 -30.65
C LEU B 103 5.91 -4.57 -30.07
N PRO B 104 5.81 -5.89 -30.21
CA PRO B 104 4.69 -6.62 -29.62
C PRO B 104 4.92 -6.94 -28.16
N VAL B 105 3.82 -7.14 -27.45
CA VAL B 105 3.82 -7.52 -26.04
C VAL B 105 3.00 -8.79 -25.87
N LEU B 106 3.58 -9.80 -25.24
CA LEU B 106 2.92 -11.07 -24.98
C LEU B 106 2.92 -11.30 -23.47
N THR B 107 1.76 -11.67 -22.93
CA THR B 107 1.57 -11.71 -21.49
C THR B 107 0.88 -13.00 -21.07
N VAL B 108 0.84 -13.21 -19.76
CA VAL B 108 0.06 -14.28 -19.15
C VAL B 108 -0.43 -13.79 -17.79
N SER B 109 -1.68 -14.13 -17.47
CA SER B 109 -2.26 -13.91 -16.13
C SER B 109 -2.19 -12.43 -15.80
N GLN B 110 -1.55 -12.02 -14.70
CA GLN B 110 -1.46 -10.60 -14.35
C GLN B 110 -0.74 -9.79 -15.42
N GLY B 111 0.11 -10.44 -16.23
CA GLY B 111 0.82 -9.70 -17.27
C GLY B 111 -0.12 -8.95 -18.20
N GLY B 112 -1.25 -9.58 -18.55
CA GLY B 112 -2.23 -8.87 -19.36
C GLY B 112 -2.88 -7.73 -18.63
N LEU B 113 -3.18 -7.92 -17.34
CA LEU B 113 -3.70 -6.82 -16.52
C LEU B 113 -2.68 -5.70 -16.42
N VAL B 114 -1.40 -6.04 -16.31
CA VAL B 114 -0.35 -5.03 -16.25
C VAL B 114 -0.25 -4.26 -17.56
N ALA B 115 -0.34 -4.97 -18.69
CA ALA B 115 -0.21 -4.32 -20.00
C ALA B 115 -1.31 -3.30 -20.23
N GLN B 116 -2.56 -3.67 -19.97
CA GLN B 116 -3.67 -2.76 -20.21
C GLN B 116 -3.67 -1.61 -19.21
N TRP B 117 -3.18 -1.84 -18.00
CA TRP B 117 -3.08 -0.75 -17.02
C TRP B 117 -2.10 0.31 -17.49
N GLY B 118 -0.96 -0.11 -18.04
CA GLY B 118 0.01 0.86 -18.54
C GLY B 118 -0.48 1.62 -19.75
N LEU B 119 -1.14 0.92 -20.68
CA LEU B 119 -1.67 1.59 -21.86
C LEU B 119 -2.79 2.56 -21.49
N THR B 120 -3.53 2.26 -20.42
CA THR B 120 -4.64 3.14 -20.03
C THR B 120 -4.13 4.44 -19.42
N PHE B 121 -3.17 4.36 -18.50
CA PHE B 121 -2.78 5.51 -17.70
C PHE B 121 -1.44 6.12 -18.11
N PHE B 122 -0.68 5.48 -19.00
CA PHE B 122 0.59 6.01 -19.50
C PHE B 122 0.46 6.17 -21.00
N PRO B 123 -0.05 7.31 -21.48
CA PRO B 123 -0.37 7.44 -22.92
C PRO B 123 0.84 7.34 -23.84
N SER B 124 2.06 7.54 -23.33
CA SER B 124 3.22 7.61 -24.23
C SER B 124 3.52 6.27 -24.89
N ILE B 125 3.17 5.16 -24.24
CA ILE B 125 3.54 3.84 -24.78
C ILE B 125 2.54 3.30 -25.79
N ARG B 126 1.41 3.98 -26.01
CA ARG B 126 0.41 3.49 -26.94
C ARG B 126 0.89 3.53 -28.39
N SER B 127 1.74 4.49 -28.73
CA SER B 127 2.31 4.59 -30.07
C SER B 127 3.59 3.79 -30.22
N LYS B 128 3.95 3.00 -29.20
CA LYS B 128 5.15 2.18 -29.24
C LYS B 128 4.86 0.69 -29.21
N VAL B 129 3.62 0.29 -28.91
CA VAL B 129 3.21 -1.11 -28.90
C VAL B 129 2.31 -1.34 -30.09
N ASP B 130 2.72 -2.23 -30.99
CA ASP B 130 1.93 -2.48 -32.20
C ASP B 130 0.79 -3.45 -31.95
N ARG B 131 0.94 -4.36 -30.98
CA ARG B 131 -0.12 -5.34 -30.71
C ARG B 131 0.11 -5.94 -29.33
N LEU B 132 -0.92 -6.60 -28.82
CA LEU B 132 -0.87 -7.28 -27.53
C LEU B 132 -1.49 -8.66 -27.67
N MET B 133 -0.75 -9.69 -27.26
CA MET B 133 -1.22 -11.08 -27.26
C MET B 133 -1.26 -11.55 -25.81
N ALA B 134 -2.45 -11.49 -25.22
CA ALA B 134 -2.63 -11.77 -23.80
C ALA B 134 -3.22 -13.17 -23.62
N PHE B 135 -2.54 -13.99 -22.80
CA PHE B 135 -3.00 -15.32 -22.46
C PHE B 135 -3.57 -15.32 -21.06
N ALA B 136 -4.84 -15.73 -20.93
CA ALA B 136 -5.57 -15.73 -19.68
C ALA B 136 -5.42 -14.45 -18.86
N PRO B 137 -5.66 -13.27 -19.45
CA PRO B 137 -5.58 -12.04 -18.68
C PRO B 137 -6.80 -11.87 -17.79
N ASP B 138 -6.61 -11.19 -16.66
CA ASP B 138 -7.67 -10.96 -15.69
C ASP B 138 -7.93 -9.45 -15.56
N TYR B 139 -8.52 -8.88 -16.61
CA TYR B 139 -8.83 -7.45 -16.58
C TYR B 139 -9.89 -7.13 -15.53
N LYS B 140 -10.77 -8.07 -15.24
CA LYS B 140 -11.77 -7.92 -14.18
C LYS B 140 -11.36 -8.59 -12.88
N GLY B 141 -10.11 -9.06 -12.78
CA GLY B 141 -9.73 -9.84 -11.63
C GLY B 141 -10.31 -11.24 -11.69
N THR B 142 -10.39 -11.87 -10.53
CA THR B 142 -10.93 -13.22 -10.43
C THR B 142 -11.80 -13.34 -9.19
N VAL B 143 -12.86 -14.16 -9.32
CA VAL B 143 -13.74 -14.44 -8.18
C VAL B 143 -13.27 -15.63 -7.36
N LEU B 144 -12.23 -16.33 -7.79
CA LEU B 144 -11.72 -17.50 -7.08
C LEU B 144 -10.77 -17.04 -5.98
N ALA B 145 -11.16 -17.24 -4.73
CA ALA B 145 -10.35 -16.83 -3.60
C ALA B 145 -9.17 -17.79 -3.38
N GLY B 146 -8.20 -17.31 -2.62
CA GLY B 146 -7.01 -18.08 -2.29
C GLY B 146 -7.30 -19.23 -1.35
N PRO B 147 -6.44 -20.25 -1.34
CA PRO B 147 -6.66 -21.39 -0.44
C PRO B 147 -6.46 -21.06 1.03
N LEU B 148 -5.72 -20.00 1.35
CA LEU B 148 -5.47 -19.62 2.74
C LEU B 148 -5.45 -18.11 2.91
N ASP B 149 -6.25 -17.41 2.10
CA ASP B 149 -6.27 -15.95 2.13
C ASP B 149 -7.19 -15.40 3.22
N ALA B 150 -8.12 -16.20 3.73
CA ALA B 150 -9.08 -15.72 4.72
C ALA B 150 -8.38 -15.29 5.99
N LEU B 151 -8.21 -13.98 6.16
CA LEU B 151 -7.67 -13.34 7.35
C LEU B 151 -6.21 -13.71 7.63
N ALA B 152 -5.57 -14.45 6.73
CA ALA B 152 -4.11 -14.59 6.72
C ALA B 152 -3.46 -13.61 5.76
N GLY B 153 -4.24 -12.71 5.17
CA GLY B 153 -3.78 -11.74 4.22
C GLY B 153 -3.48 -12.37 2.87
N SER B 154 -2.90 -11.55 1.99
CA SER B 154 -2.53 -11.98 0.66
C SER B 154 -1.47 -11.04 0.12
N ALA B 155 -0.80 -11.48 -0.94
CA ALA B 155 0.17 -10.62 -1.61
C ALA B 155 -0.54 -9.37 -2.13
N PRO B 156 0.17 -8.25 -2.21
CA PRO B 156 -0.47 -7.01 -2.73
C PRO B 156 -1.15 -7.19 -4.08
N SER B 157 -0.48 -7.85 -5.03
CA SER B 157 -1.10 -8.05 -6.34
C SER B 157 -2.30 -8.98 -6.27
N VAL B 158 -2.35 -9.87 -5.27
CA VAL B 158 -3.50 -10.76 -5.15
C VAL B 158 -4.71 -9.99 -4.64
N TRP B 159 -4.49 -9.02 -3.74
CA TRP B 159 -5.56 -8.11 -3.36
C TRP B 159 -6.12 -7.38 -4.58
N GLN B 160 -5.24 -6.85 -5.41
CA GLN B 160 -5.66 -6.02 -6.53
C GLN B 160 -6.28 -6.84 -7.66
N GLN B 161 -5.99 -8.12 -7.74
CA GLN B 161 -6.55 -9.00 -8.75
C GLN B 161 -7.83 -9.69 -8.28
N THR B 162 -8.35 -9.33 -7.12
CA THR B 162 -9.63 -9.85 -6.68
C THR B 162 -10.76 -9.08 -7.34
N THR B 163 -11.79 -9.80 -7.78
CA THR B 163 -12.95 -9.16 -8.38
C THR B 163 -13.55 -8.15 -7.42
N GLY B 164 -13.86 -6.97 -7.94
CA GLY B 164 -14.38 -5.89 -7.12
C GLY B 164 -13.33 -5.08 -6.40
N SER B 165 -12.05 -5.36 -6.63
CA SER B 165 -10.99 -4.58 -6.01
C SER B 165 -11.01 -3.15 -6.52
N ALA B 166 -10.35 -2.26 -5.77
CA ALA B 166 -10.23 -0.87 -6.23
C ALA B 166 -9.46 -0.79 -7.54
N LEU B 167 -8.45 -1.64 -7.71
CA LEU B 167 -7.64 -1.60 -8.93
C LEU B 167 -8.47 -1.98 -10.15
N THR B 168 -9.12 -3.14 -10.10
CA THR B 168 -9.95 -3.57 -11.23
C THR B 168 -11.10 -2.60 -11.46
N THR B 169 -11.62 -1.99 -10.38
CA THR B 169 -12.66 -0.98 -10.52
C THR B 169 -12.15 0.24 -11.27
N ALA B 170 -10.94 0.71 -10.93
CA ALA B 170 -10.41 1.92 -11.54
C ALA B 170 -10.07 1.72 -13.01
N LEU B 171 -9.55 0.54 -13.36
CA LEU B 171 -9.24 0.26 -14.76
C LEU B 171 -10.50 0.29 -15.60
N ARG B 172 -11.59 -0.29 -15.08
CA ARG B 172 -12.86 -0.30 -15.80
C ARG B 172 -13.40 1.12 -15.97
N ASN B 173 -13.46 1.89 -14.90
CA ASN B 173 -14.06 3.22 -14.94
C ASN B 173 -13.25 4.22 -15.75
N ALA B 174 -11.95 3.97 -15.94
CA ALA B 174 -11.13 4.82 -16.79
C ALA B 174 -11.23 4.45 -18.26
N GLY B 175 -12.06 3.48 -18.61
CA GLY B 175 -12.18 3.04 -19.97
C GLY B 175 -11.22 1.95 -20.39
N GLY B 176 -10.61 1.26 -19.45
CA GLY B 176 -9.59 0.27 -19.75
C GLY B 176 -10.09 -1.08 -20.22
N LEU B 177 -11.40 -1.31 -20.23
CA LEU B 177 -11.94 -2.57 -20.73
C LEU B 177 -12.20 -2.54 -22.23
N THR B 178 -11.80 -1.49 -22.91
CA THR B 178 -11.76 -1.43 -24.36
C THR B 178 -10.31 -1.49 -24.81
N GLN B 179 -10.03 -2.28 -25.84
CA GLN B 179 -8.66 -2.41 -26.32
C GLN B 179 -8.13 -1.05 -26.76
N ILE B 180 -6.84 -0.84 -26.51
CA ILE B 180 -6.17 0.41 -26.84
C ILE B 180 -5.24 0.26 -28.03
N VAL B 181 -4.56 -0.89 -28.13
CA VAL B 181 -3.86 -1.29 -29.34
C VAL B 181 -4.49 -2.60 -29.80
N PRO B 182 -4.21 -3.10 -31.00
CA PRO B 182 -4.76 -4.39 -31.40
C PRO B 182 -4.41 -5.49 -30.40
N THR B 183 -5.44 -6.05 -29.78
CA THR B 183 -5.29 -6.99 -28.67
C THR B 183 -5.98 -8.30 -28.98
N THR B 184 -5.29 -9.40 -28.70
CA THR B 184 -5.85 -10.75 -28.77
C THR B 184 -5.89 -11.34 -27.37
N ASN B 185 -7.05 -11.86 -26.97
CA ASN B 185 -7.22 -12.50 -25.67
C ASN B 185 -7.56 -13.97 -25.88
N LEU B 186 -6.65 -14.84 -25.45
CA LEU B 186 -6.85 -16.28 -25.50
C LEU B 186 -7.10 -16.75 -24.06
N TYR B 187 -8.27 -17.33 -23.83
CA TYR B 187 -8.61 -17.79 -22.49
C TYR B 187 -9.52 -19.01 -22.61
N SER B 188 -9.87 -19.58 -21.45
CA SER B 188 -10.62 -20.83 -21.41
C SER B 188 -11.66 -20.76 -20.30
N ALA B 189 -12.77 -21.45 -20.54
CA ALA B 189 -13.80 -21.57 -19.51
C ALA B 189 -13.34 -22.43 -18.34
N THR B 190 -12.34 -23.28 -18.55
CA THR B 190 -11.82 -24.17 -17.51
C THR B 190 -10.69 -23.53 -16.71
N ASP B 191 -10.45 -22.24 -16.87
CA ASP B 191 -9.41 -21.58 -16.10
C ASP B 191 -9.69 -21.70 -14.61
N GLU B 192 -8.77 -22.36 -13.90
CA GLU B 192 -8.93 -22.59 -12.47
C GLU B 192 -8.34 -21.47 -11.62
N ILE B 193 -7.84 -20.40 -12.25
CA ILE B 193 -7.27 -19.26 -11.56
C ILE B 193 -8.08 -18.00 -11.80
N VAL B 194 -8.47 -17.75 -13.05
CA VAL B 194 -9.20 -16.55 -13.44
C VAL B 194 -10.62 -16.95 -13.78
N GLN B 195 -11.59 -16.41 -13.05
CA GLN B 195 -13.01 -16.61 -13.33
C GLN B 195 -13.75 -15.31 -13.03
N PRO B 196 -14.90 -15.07 -13.68
CA PRO B 196 -15.61 -15.93 -14.64
C PRO B 196 -15.07 -15.88 -16.06
N GLN B 197 -15.16 -17.02 -16.76
CA GLN B 197 -14.69 -17.13 -18.14
C GLN B 197 -15.68 -17.91 -19.01
N VAL B 198 -16.91 -18.11 -18.55
CA VAL B 198 -17.81 -19.10 -19.11
C VAL B 198 -18.86 -18.49 -20.02
N SER B 199 -18.77 -17.20 -20.32
CA SER B 199 -19.83 -16.52 -21.05
C SER B 199 -19.51 -16.25 -22.51
N ASN B 200 -18.25 -16.31 -22.93
CA ASN B 200 -17.85 -15.94 -24.28
C ASN B 200 -18.42 -14.57 -24.64
N SER B 201 -18.26 -13.64 -23.71
CA SER B 201 -18.97 -12.36 -23.77
C SER B 201 -18.21 -11.37 -22.91
N PRO B 202 -18.62 -10.09 -22.92
CA PRO B 202 -17.97 -9.11 -22.02
C PRO B 202 -18.03 -9.46 -20.54
N LEU B 203 -18.81 -10.47 -20.14
CA LEU B 203 -18.80 -10.87 -18.74
C LEU B 203 -17.50 -11.57 -18.35
N ASP B 204 -16.76 -12.10 -19.32
CA ASP B 204 -15.52 -12.80 -19.03
C ASP B 204 -14.43 -11.81 -18.61
N SER B 205 -13.57 -12.26 -17.70
CA SER B 205 -12.51 -11.39 -17.19
C SER B 205 -11.48 -11.07 -18.27
N SER B 206 -11.28 -11.98 -19.22
CA SER B 206 -10.29 -11.78 -20.28
C SER B 206 -10.85 -11.01 -21.47
N TYR B 207 -12.12 -10.62 -21.44
CA TYR B 207 -12.74 -9.97 -22.59
C TYR B 207 -12.40 -8.49 -22.60
N LEU B 208 -11.98 -7.99 -23.77
CA LEU B 208 -11.79 -6.58 -24.00
C LEU B 208 -12.59 -6.15 -25.21
N PHE B 209 -13.35 -5.07 -25.07
CA PHE B 209 -14.17 -4.60 -26.19
C PHE B 209 -13.28 -4.19 -27.36
N ASN B 210 -13.70 -4.60 -28.56
CA ASN B 210 -13.02 -4.43 -29.84
C ASN B 210 -11.79 -5.31 -29.98
N GLY B 211 -11.43 -6.10 -28.96
CA GLY B 211 -10.33 -7.02 -29.08
C GLY B 211 -10.72 -8.29 -29.82
N LYS B 212 -9.71 -9.12 -30.06
CA LYS B 212 -9.93 -10.44 -30.64
C LYS B 212 -9.96 -11.41 -29.47
N ASN B 213 -11.14 -11.58 -28.88
CA ASN B 213 -11.31 -12.39 -27.68
C ASN B 213 -11.62 -13.82 -28.09
N VAL B 214 -10.68 -14.72 -27.83
CA VAL B 214 -10.77 -16.10 -28.27
C VAL B 214 -10.95 -16.96 -27.03
N GLN B 215 -12.19 -17.37 -26.75
CA GLN B 215 -12.43 -18.41 -25.76
C GLN B 215 -12.23 -19.77 -26.41
N ALA B 216 -11.39 -20.60 -25.78
CA ALA B 216 -11.00 -21.86 -26.40
C ALA B 216 -12.20 -22.76 -26.68
N GLN B 217 -13.21 -22.73 -25.79
CA GLN B 217 -14.38 -23.57 -25.98
C GLN B 217 -15.22 -23.09 -27.16
N ALA B 218 -15.14 -21.80 -27.50
CA ALA B 218 -15.86 -21.31 -28.67
C ALA B 218 -15.29 -21.88 -29.96
N VAL B 219 -13.99 -22.15 -30.00
CA VAL B 219 -13.36 -22.71 -31.19
C VAL B 219 -13.36 -24.23 -31.15
N CYS B 220 -13.18 -24.82 -29.98
CA CYS B 220 -12.90 -26.24 -29.86
C CYS B 220 -14.07 -27.07 -29.36
N GLY B 221 -15.13 -26.44 -28.85
CA GLY B 221 -16.28 -27.16 -28.38
C GLY B 221 -16.53 -26.88 -26.91
N PRO B 222 -17.78 -27.11 -26.48
CA PRO B 222 -18.15 -26.77 -25.10
C PRO B 222 -17.51 -27.67 -24.06
N LEU B 223 -17.07 -28.88 -24.44
CA LEU B 223 -16.44 -29.80 -23.51
C LEU B 223 -14.92 -29.78 -23.62
N PHE B 224 -14.36 -28.81 -24.34
CA PHE B 224 -12.91 -28.69 -24.42
C PHE B 224 -12.37 -28.18 -23.08
N VAL B 225 -11.31 -28.83 -22.60
CA VAL B 225 -10.71 -28.50 -21.31
C VAL B 225 -9.29 -28.03 -21.55
N ILE B 226 -8.97 -26.86 -21.02
CA ILE B 226 -7.61 -26.34 -21.03
C ILE B 226 -7.47 -25.38 -19.85
N ASP B 227 -6.53 -25.66 -18.96
CA ASP B 227 -6.44 -24.97 -17.68
C ASP B 227 -5.73 -23.62 -17.85
N HIS B 228 -5.38 -23.00 -16.72
CA HIS B 228 -4.72 -21.70 -16.77
C HIS B 228 -3.35 -21.79 -17.43
N ALA B 229 -2.52 -22.71 -16.96
CA ALA B 229 -1.19 -22.87 -17.55
C ALA B 229 -1.27 -23.31 -19.00
N GLY B 230 -2.21 -24.20 -19.32
CA GLY B 230 -2.37 -24.63 -20.69
C GLY B 230 -2.79 -23.50 -21.62
N SER B 231 -3.52 -22.51 -21.09
CA SER B 231 -3.92 -21.37 -21.89
C SER B 231 -2.73 -20.62 -22.47
N LEU B 232 -1.55 -20.76 -21.87
CA LEU B 232 -0.32 -20.15 -22.36
C LEU B 232 0.55 -21.10 -23.17
N THR B 233 0.66 -22.36 -22.74
CA THR B 233 1.66 -23.27 -23.27
C THR B 233 1.13 -24.26 -24.32
N SER B 234 -0.18 -24.31 -24.53
CA SER B 234 -0.75 -25.34 -25.39
C SER B 234 -0.39 -25.11 -26.85
N GLN B 235 -0.49 -26.20 -27.63
CA GLN B 235 -0.33 -26.09 -29.08
C GLN B 235 -1.39 -25.18 -29.69
N PHE B 236 -2.62 -25.26 -29.16
CA PHE B 236 -3.67 -24.33 -29.59
C PHE B 236 -3.27 -22.89 -29.31
N SER B 237 -2.73 -22.62 -28.12
CA SER B 237 -2.30 -21.27 -27.78
C SER B 237 -1.18 -20.80 -28.68
N TYR B 238 -0.28 -21.72 -29.08
CA TYR B 238 0.80 -21.34 -30.00
C TYR B 238 0.25 -20.92 -31.35
N VAL B 239 -0.67 -21.72 -31.91
CA VAL B 239 -1.25 -21.40 -33.21
C VAL B 239 -1.98 -20.06 -33.16
N VAL B 240 -2.77 -19.84 -32.10
CA VAL B 240 -3.48 -18.57 -31.98
C VAL B 240 -2.50 -17.42 -31.76
N GLY B 241 -1.51 -17.62 -30.89
CA GLY B 241 -0.54 -16.57 -30.62
C GLY B 241 0.32 -16.25 -31.83
N ARG B 242 0.78 -17.29 -32.55
CA ARG B 242 1.54 -17.07 -33.77
C ARG B 242 0.73 -16.30 -34.80
N SER B 243 -0.57 -16.58 -34.88
CA SER B 243 -1.42 -15.86 -35.81
C SER B 243 -1.48 -14.37 -35.48
N ALA B 244 -1.60 -14.05 -34.18
CA ALA B 244 -1.69 -12.65 -33.78
C ALA B 244 -0.38 -11.90 -34.05
N LEU B 245 0.76 -12.58 -33.91
CA LEU B 245 2.04 -11.90 -34.12
C LEU B 245 2.29 -11.65 -35.60
N ARG B 246 1.91 -12.60 -36.46
CA ARG B 246 2.07 -12.45 -37.91
C ARG B 246 1.00 -11.59 -38.56
N SER B 247 -0.05 -11.23 -37.82
CA SER B 247 -1.21 -10.61 -38.45
C SER B 247 -0.92 -9.17 -38.85
N THR B 248 -1.38 -8.81 -40.04
CA THR B 248 -1.26 -7.44 -40.50
C THR B 248 -2.27 -6.53 -39.82
N THR B 249 -3.29 -7.09 -39.18
CA THR B 249 -4.28 -6.31 -38.45
C THR B 249 -3.94 -6.15 -36.98
N GLY B 250 -2.93 -6.87 -36.48
CA GLY B 250 -2.56 -6.83 -35.08
C GLY B 250 -3.34 -7.77 -34.19
N GLN B 251 -4.28 -8.53 -34.73
CA GLN B 251 -5.07 -9.49 -33.97
C GLN B 251 -5.00 -10.85 -34.64
N ALA B 252 -5.15 -11.91 -33.84
CA ALA B 252 -5.23 -13.25 -34.39
C ALA B 252 -6.43 -13.35 -35.34
N ARG B 253 -6.31 -14.24 -36.32
CA ARG B 253 -7.27 -14.36 -37.40
C ARG B 253 -7.92 -15.74 -37.38
N SER B 254 -9.24 -15.77 -37.46
CA SER B 254 -9.98 -17.03 -37.39
C SER B 254 -9.62 -17.98 -38.51
N ALA B 255 -9.13 -17.47 -39.64
CA ALA B 255 -8.73 -18.33 -40.74
C ALA B 255 -7.40 -19.04 -40.47
N ASP B 256 -6.65 -18.63 -39.46
CA ASP B 256 -5.36 -19.23 -39.14
C ASP B 256 -5.46 -20.43 -38.21
N TYR B 257 -6.60 -20.65 -37.57
CA TYR B 257 -6.74 -21.77 -36.65
C TYR B 257 -8.13 -22.37 -36.79
N GLY B 258 -8.25 -23.62 -36.37
CA GLY B 258 -9.50 -24.33 -36.43
C GLY B 258 -9.53 -25.45 -35.41
N ILE B 259 -10.54 -26.32 -35.56
CA ILE B 259 -10.71 -27.41 -34.59
C ILE B 259 -9.52 -28.37 -34.64
N THR B 260 -8.85 -28.48 -35.79
CA THR B 260 -7.69 -29.34 -35.90
C THR B 260 -6.50 -28.86 -35.08
N ASP B 261 -6.53 -27.61 -34.59
CA ASP B 261 -5.46 -27.06 -33.77
C ASP B 261 -5.77 -27.15 -32.29
N CYS B 262 -6.86 -27.81 -31.91
CA CYS B 262 -7.33 -27.84 -30.53
C CYS B 262 -6.56 -28.89 -29.73
N ASN B 263 -5.32 -28.55 -29.41
CA ASN B 263 -4.44 -29.40 -28.62
C ASN B 263 -4.09 -28.71 -27.32
N PRO B 264 -4.60 -29.17 -26.17
CA PRO B 264 -4.27 -28.51 -24.90
C PRO B 264 -2.91 -28.88 -24.36
N LEU B 265 -2.22 -29.84 -24.97
CA LEU B 265 -0.89 -30.23 -24.56
C LEU B 265 0.13 -29.18 -25.03
N PRO B 266 1.30 -29.14 -24.41
CA PRO B 266 2.30 -28.13 -24.79
C PRO B 266 2.60 -28.15 -26.29
N ALA B 267 3.04 -27.00 -26.79
CA ALA B 267 3.23 -26.80 -28.22
C ALA B 267 4.12 -27.89 -28.81
N ASN B 268 3.76 -28.32 -30.03
CA ASN B 268 4.49 -29.42 -30.66
C ASN B 268 5.95 -29.08 -30.90
N ASP B 269 6.25 -27.82 -31.20
CA ASP B 269 7.62 -27.43 -31.53
C ASP B 269 8.55 -27.43 -30.32
N LEU B 270 8.01 -27.47 -29.11
CA LEU B 270 8.87 -27.54 -27.93
C LEU B 270 9.55 -28.90 -27.86
N THR B 271 10.78 -28.90 -27.36
CA THR B 271 11.48 -30.15 -27.16
C THR B 271 10.76 -30.97 -26.09
N PRO B 272 10.94 -32.29 -26.08
CA PRO B 272 10.30 -33.11 -25.04
C PRO B 272 10.63 -32.64 -23.63
N GLU B 273 11.86 -32.17 -23.42
CA GLU B 273 12.24 -31.63 -22.11
C GLU B 273 11.52 -30.32 -21.81
N GLN B 274 11.30 -29.49 -22.84
CA GLN B 274 10.62 -28.22 -22.62
C GLN B 274 9.13 -28.42 -22.34
N LYS B 275 8.52 -29.42 -22.98
CA LYS B 275 7.12 -29.73 -22.70
C LYS B 275 6.94 -30.15 -21.24
N VAL B 276 7.87 -30.95 -20.72
CA VAL B 276 7.80 -31.35 -19.32
C VAL B 276 7.92 -30.13 -18.41
N ALA B 277 8.82 -29.21 -18.75
CA ALA B 277 8.94 -27.98 -17.98
C ALA B 277 7.68 -27.12 -18.10
N ALA B 278 7.03 -27.15 -19.26
CA ALA B 278 5.81 -26.37 -19.46
C ALA B 278 4.68 -26.87 -18.55
N ALA B 279 4.65 -28.16 -18.26
CA ALA B 279 3.61 -28.72 -17.39
C ALA B 279 3.76 -28.25 -15.96
N ALA B 280 4.98 -27.90 -15.53
CA ALA B 280 5.23 -27.40 -14.19
C ALA B 280 5.27 -25.88 -14.12
N LEU B 281 4.48 -25.21 -14.97
CA LEU B 281 4.53 -23.76 -15.07
C LEU B 281 4.18 -23.08 -13.74
N LEU B 282 3.14 -23.55 -13.05
CA LEU B 282 2.62 -22.86 -11.88
C LEU B 282 3.29 -23.27 -10.58
N ALA B 283 4.36 -24.07 -10.65
CA ALA B 283 5.07 -24.46 -9.43
C ALA B 283 5.57 -23.26 -8.61
N PRO B 284 6.19 -22.24 -9.20
CA PRO B 284 6.54 -21.06 -8.39
C PRO B 284 5.32 -20.28 -7.92
N TYR B 285 4.24 -20.30 -8.70
CA TYR B 285 3.01 -19.64 -8.27
C TYR B 285 2.41 -20.32 -7.05
N TYR B 286 2.34 -21.66 -7.07
CA TYR B 286 1.82 -22.39 -5.92
C TYR B 286 2.60 -22.09 -4.65
N ALA B 287 3.94 -22.06 -4.75
CA ALA B 287 4.74 -21.77 -3.58
C ALA B 287 4.48 -20.35 -3.08
N ALA B 288 4.31 -19.41 -4.01
CA ALA B 288 4.10 -18.01 -3.62
C ALA B 288 2.76 -17.85 -2.92
N ILE B 289 1.77 -18.64 -3.31
CA ILE B 289 0.43 -18.52 -2.76
C ILE B 289 0.37 -19.02 -1.32
N VAL B 290 1.27 -19.93 -0.94
CA VAL B 290 1.23 -20.53 0.39
C VAL B 290 2.28 -19.92 1.31
N ALA B 291 3.42 -19.48 0.73
CA ALA B 291 4.56 -19.06 1.54
C ALA B 291 5.16 -17.73 1.07
N GLY B 292 4.44 -16.97 0.25
CA GLY B 292 4.96 -15.71 -0.20
C GLY B 292 4.57 -14.57 0.71
N PRO B 293 4.99 -13.35 0.38
CA PRO B 293 4.64 -12.19 1.20
C PRO B 293 3.12 -11.97 1.23
N LYS B 294 2.65 -11.44 2.35
CA LYS B 294 1.23 -11.15 2.53
C LYS B 294 1.05 -9.88 3.33
N GLN B 295 -0.05 -9.17 3.04
CA GLN B 295 -0.43 -7.98 3.79
C GLN B 295 -1.94 -8.01 3.98
N ASN B 296 -2.45 -7.09 4.80
CA ASN B 296 -3.81 -7.18 5.31
C ASN B 296 -4.77 -6.18 4.67
N CYS B 297 -4.41 -5.56 3.55
CA CYS B 297 -5.31 -4.63 2.88
C CYS B 297 -4.85 -4.47 1.43
N GLU B 298 -5.78 -4.01 0.60
CA GLU B 298 -5.43 -3.74 -0.79
C GLU B 298 -4.61 -2.46 -0.87
N PRO B 299 -3.51 -2.44 -1.62
CA PRO B 299 -2.69 -1.23 -1.71
C PRO B 299 -3.49 -0.02 -2.19
N ASP B 300 -3.09 1.15 -1.71
CA ASP B 300 -3.71 2.38 -2.14
C ASP B 300 -3.45 2.59 -3.63
N LEU B 301 -4.40 3.25 -4.29
CA LEU B 301 -4.24 3.60 -5.69
C LEU B 301 -3.33 4.81 -5.84
N MET B 302 -2.52 4.81 -6.89
CA MET B 302 -1.70 5.98 -7.20
C MET B 302 -2.60 7.14 -7.61
N PRO B 303 -2.10 8.38 -7.46
CA PRO B 303 -2.95 9.55 -7.75
C PRO B 303 -3.56 9.56 -9.14
N TYR B 304 -2.90 8.99 -10.15
CA TYR B 304 -3.45 9.02 -11.50
C TYR B 304 -4.68 8.12 -11.61
N ALA B 305 -4.76 7.07 -10.80
CA ALA B 305 -5.86 6.11 -10.87
C ALA B 305 -6.90 6.31 -9.77
N ARG B 306 -6.53 6.99 -8.69
CA ARG B 306 -7.45 7.17 -7.57
C ARG B 306 -8.83 7.72 -7.96
N PRO B 307 -8.97 8.73 -8.82
CA PRO B 307 -10.31 9.27 -9.11
C PRO B 307 -11.28 8.27 -9.74
N PHE B 308 -10.81 7.13 -10.24
CA PHE B 308 -11.66 6.20 -10.98
C PHE B 308 -12.19 5.05 -10.12
N ALA B 309 -12.04 5.13 -8.81
CA ALA B 309 -12.51 4.07 -7.92
C ALA B 309 -13.08 4.69 -6.64
N VAL B 310 -13.89 5.74 -6.78
CA VAL B 310 -14.49 6.38 -5.62
C VAL B 310 -15.39 5.39 -4.89
N GLY B 311 -15.20 5.28 -3.57
CA GLY B 311 -15.99 4.39 -2.75
C GLY B 311 -15.30 3.10 -2.36
N LYS B 312 -14.23 2.72 -3.06
CA LYS B 312 -13.55 1.47 -2.80
C LYS B 312 -12.55 1.66 -1.68
N ARG B 313 -12.36 0.62 -0.87
CA ARG B 313 -11.52 0.71 0.31
C ARG B 313 -10.15 0.11 0.05
N THR B 314 -9.10 0.89 0.33
CA THR B 314 -7.72 0.42 0.28
C THR B 314 -7.12 0.56 1.67
N CYS B 315 -5.78 0.45 1.75
CA CYS B 315 -5.12 0.43 3.05
C CYS B 315 -5.35 1.72 3.83
N SER B 316 -5.38 2.86 3.15
CA SER B 316 -5.57 4.14 3.83
C SER B 316 -7.02 4.43 4.18
N GLY B 317 -7.97 3.74 3.57
CA GLY B 317 -9.37 4.05 3.79
C GLY B 317 -10.17 4.10 2.50
N ILE B 318 -11.21 4.92 2.47
CA ILE B 318 -12.06 5.04 1.30
C ILE B 318 -11.45 6.05 0.33
N VAL B 319 -11.25 5.61 -0.91
CA VAL B 319 -10.78 6.45 -2.01
C VAL B 319 -11.46 7.81 -2.02
N MET C 3 -10.65 -5.65 7.17
CA MET C 3 -10.84 -5.72 8.62
C MET C 3 -10.01 -6.86 9.22
N ALA C 4 -8.69 -6.75 9.10
CA ALA C 4 -7.80 -7.72 9.69
C ALA C 4 -6.62 -7.00 10.34
N LEU C 5 -6.13 -7.57 11.42
CA LEU C 5 -5.01 -7.03 12.18
C LEU C 5 -4.13 -8.19 12.61
N PRO C 6 -2.87 -7.92 12.94
CA PRO C 6 -2.04 -8.94 13.57
C PRO C 6 -2.73 -9.47 14.82
N SER C 7 -2.65 -10.79 15.01
CA SER C 7 -3.29 -11.45 16.14
C SER C 7 -2.30 -12.35 16.84
N GLY C 8 -2.74 -12.91 17.95
CA GLY C 8 -1.91 -13.81 18.74
C GLY C 8 -1.22 -13.11 19.89
N SER C 9 -0.16 -13.76 20.36
CA SER C 9 0.59 -13.25 21.50
C SER C 9 1.34 -11.98 21.14
N ASP C 10 1.56 -11.13 22.14
CA ASP C 10 2.38 -9.95 21.95
C ASP C 10 3.81 -10.38 21.63
N PRO C 11 4.50 -9.68 20.74
CA PRO C 11 5.92 -9.95 20.53
C PRO C 11 6.71 -9.68 21.80
N ALA C 12 7.87 -10.33 21.90
CA ALA C 12 8.70 -10.14 23.08
C ALA C 12 9.38 -8.78 23.03
N PHE C 13 9.51 -8.15 24.20
CA PHE C 13 10.20 -6.88 24.29
C PHE C 13 11.70 -7.08 24.10
N SER C 14 12.34 -6.15 23.39
CA SER C 14 13.78 -6.17 23.24
C SER C 14 14.50 -5.56 24.44
N GLN C 15 13.78 -4.82 25.28
CA GLN C 15 14.30 -4.20 26.48
C GLN C 15 13.84 -4.96 27.72
N PRO C 16 14.66 -5.00 28.77
CA PRO C 16 14.21 -5.61 30.03
C PRO C 16 13.04 -4.84 30.62
N LYS C 17 12.18 -5.59 31.34
CA LYS C 17 10.98 -4.98 31.90
C LYS C 17 11.34 -3.89 32.92
N SER C 18 12.46 -4.06 33.63
CA SER C 18 12.90 -3.03 34.57
C SER C 18 13.32 -1.76 33.85
N VAL C 19 13.87 -1.87 32.65
CA VAL C 19 14.25 -0.69 31.87
C VAL C 19 13.01 0.08 31.44
N LEU C 20 12.00 -0.64 30.94
CA LEU C 20 10.76 0.01 30.51
C LEU C 20 10.01 0.63 31.68
N ASP C 21 10.07 -0.02 32.85
CA ASP C 21 9.44 0.54 34.04
C ASP C 21 10.09 1.85 34.45
N ALA C 22 11.39 2.00 34.20
CA ALA C 22 12.09 3.23 34.57
C ALA C 22 11.61 4.44 33.78
N GLY C 23 11.04 4.23 32.59
CA GLY C 23 10.56 5.33 31.77
C GLY C 23 9.16 5.79 32.04
N LEU C 24 8.43 5.16 32.96
CA LEU C 24 7.05 5.50 33.26
C LEU C 24 6.94 6.21 34.60
N THR C 25 6.25 7.35 34.61
CA THR C 25 6.03 8.14 35.81
C THR C 25 4.58 8.60 35.85
N CYS C 26 3.99 8.58 37.06
CA CYS C 26 2.66 9.11 37.29
C CYS C 26 2.74 10.28 38.26
N GLN C 27 1.89 11.28 38.05
CA GLN C 27 1.87 12.47 38.89
C GLN C 27 1.19 12.14 40.21
N GLY C 28 1.96 12.17 41.30
CA GLY C 28 1.39 11.99 42.62
C GLY C 28 0.86 10.61 42.92
N ALA C 29 1.33 9.59 42.20
CA ALA C 29 0.86 8.23 42.42
C ALA C 29 1.87 7.26 41.81
N SER C 30 1.86 6.05 42.33
CA SER C 30 2.66 5.01 41.70
C SER C 30 1.85 4.33 40.59
N PRO C 31 2.49 3.97 39.48
CA PRO C 31 1.74 3.33 38.39
C PRO C 31 1.01 2.06 38.80
N SER C 32 1.49 1.36 39.83
CA SER C 32 0.85 0.11 40.26
C SER C 32 -0.35 0.34 41.17
N SER C 33 -0.62 1.59 41.56
CA SER C 33 -1.79 1.93 42.39
C SER C 33 -2.15 3.37 42.04
N VAL C 34 -2.89 3.52 40.94
CA VAL C 34 -3.19 4.84 40.38
C VAL C 34 -4.69 4.93 40.12
N SER C 35 -5.26 6.10 40.39
CA SER C 35 -6.68 6.36 40.21
C SER C 35 -6.92 7.15 38.94
N LYS C 36 -7.77 6.63 38.07
CA LYS C 36 -8.14 7.27 36.82
C LYS C 36 -6.92 7.73 36.02
N PRO C 37 -6.03 6.81 35.63
CA PRO C 37 -4.82 7.21 34.92
C PRO C 37 -5.09 7.56 33.47
N ILE C 38 -4.19 8.39 32.93
CA ILE C 38 -4.14 8.70 31.51
C ILE C 38 -2.68 8.63 31.08
N LEU C 39 -2.40 7.89 30.02
CA LEU C 39 -1.04 7.74 29.51
C LEU C 39 -0.77 8.81 28.46
N LEU C 40 0.26 9.61 28.70
CA LEU C 40 0.69 10.66 27.78
C LEU C 40 1.97 10.21 27.10
N VAL C 41 1.96 10.18 25.77
CA VAL C 41 3.12 9.76 24.98
C VAL C 41 3.67 11.00 24.27
N PRO C 42 4.91 11.38 24.50
CA PRO C 42 5.44 12.64 23.98
C PRO C 42 5.81 12.51 22.51
N GLY C 43 6.26 13.63 21.95
CA GLY C 43 6.66 13.70 20.56
C GLY C 43 8.16 13.61 20.36
N THR C 44 8.56 13.66 19.10
CA THR C 44 9.97 13.54 18.74
C THR C 44 10.78 14.65 19.41
N GLY C 45 11.94 14.28 19.95
CA GLY C 45 12.84 15.25 20.53
C GLY C 45 12.46 15.77 21.90
N THR C 46 11.50 15.13 22.58
CA THR C 46 11.05 15.61 23.88
C THR C 46 10.84 14.44 24.82
N THR C 47 10.73 14.75 26.10
CA THR C 47 10.32 13.82 27.13
C THR C 47 8.84 14.02 27.45
N GLY C 48 8.33 13.17 28.33
CA GLY C 48 6.97 13.30 28.80
C GLY C 48 6.70 14.68 29.40
N PRO C 49 7.50 15.08 30.39
CA PRO C 49 7.32 16.43 30.94
C PRO C 49 7.54 17.54 29.91
N GLN C 50 8.53 17.41 29.03
CA GLN C 50 8.77 18.47 28.05
C GLN C 50 7.59 18.66 27.12
N SER C 51 6.84 17.60 26.84
CA SER C 51 5.70 17.69 25.94
C SER C 51 4.43 18.14 26.63
N PHE C 52 4.26 17.83 27.92
CA PHE C 52 2.97 18.00 28.57
C PHE C 52 2.98 18.79 29.87
N ASP C 53 4.14 19.19 30.40
CA ASP C 53 4.15 19.98 31.62
C ASP C 53 3.35 21.27 31.45
N SER C 54 3.44 21.89 30.29
CA SER C 54 2.80 23.17 30.02
C SER C 54 1.36 23.04 29.56
N ASN C 55 0.88 21.83 29.28
CA ASN C 55 -0.45 21.71 28.72
C ASN C 55 -1.27 20.60 29.38
N TRP C 56 -1.15 19.38 28.88
CA TRP C 56 -2.13 18.34 29.20
C TRP C 56 -1.86 17.62 30.50
N ILE C 57 -0.71 17.82 31.14
CA ILE C 57 -0.52 17.29 32.48
C ILE C 57 -1.38 18.10 33.44
N PRO C 58 -1.32 19.44 33.44
CA PRO C 58 -2.29 20.19 34.27
C PRO C 58 -3.72 20.10 33.77
N LEU C 59 -3.95 20.06 32.45
CA LEU C 59 -5.33 20.06 31.94
C LEU C 59 -6.06 18.75 32.26
N SER C 60 -5.38 17.61 32.11
CA SER C 60 -6.02 16.35 32.44
C SER C 60 -6.21 16.19 33.93
N ALA C 61 -5.29 16.74 34.74
CA ALA C 61 -5.45 16.69 36.19
C ALA C 61 -6.66 17.50 36.63
N GLN C 62 -6.87 18.67 36.03
CA GLN C 62 -8.05 19.47 36.35
C GLN C 62 -9.34 18.83 35.86
N LEU C 63 -9.26 17.85 34.96
CA LEU C 63 -10.42 17.07 34.56
C LEU C 63 -10.65 15.85 35.45
N GLY C 64 -9.74 15.59 36.40
CA GLY C 64 -9.89 14.51 37.35
C GLY C 64 -8.98 13.31 37.13
N TYR C 65 -8.12 13.35 36.12
CA TYR C 65 -7.24 12.23 35.82
C TYR C 65 -5.94 12.32 36.62
N THR C 66 -5.26 11.19 36.73
CA THR C 66 -3.89 11.18 37.24
C THR C 66 -2.95 11.16 36.05
N PRO C 67 -2.24 12.24 35.76
CA PRO C 67 -1.37 12.27 34.58
C PRO C 67 -0.20 11.28 34.72
N CYS C 68 -0.10 10.37 33.77
CA CYS C 68 1.03 9.46 33.67
C CYS C 68 1.64 9.60 32.29
N TRP C 69 2.94 9.34 32.18
CA TRP C 69 3.64 9.56 30.93
C TRP C 69 4.85 8.64 30.83
N ILE C 70 5.35 8.49 29.61
CA ILE C 70 6.58 7.76 29.35
C ILE C 70 7.58 8.72 28.71
N SER C 71 8.86 8.48 28.95
CA SER C 71 9.95 9.27 28.39
C SER C 71 11.01 8.35 27.81
N PRO C 72 10.73 7.71 26.68
CA PRO C 72 11.73 6.82 26.07
C PRO C 72 12.98 7.59 25.67
N PRO C 73 14.15 7.15 26.14
CA PRO C 73 15.47 7.71 25.83
C PRO C 73 15.97 7.34 24.43
N PRO C 74 16.70 8.25 23.78
CA PRO C 74 16.90 9.62 24.26
C PRO C 74 15.95 10.61 23.60
N PHE C 75 15.01 11.15 24.39
CA PHE C 75 14.09 12.18 23.91
C PHE C 75 13.34 11.72 22.66
N MET C 76 12.86 10.49 22.68
CA MET C 76 12.08 9.90 21.59
C MET C 76 12.85 9.81 20.28
N LEU C 77 14.18 9.93 20.33
CA LEU C 77 14.98 9.87 19.12
C LEU C 77 15.36 8.45 18.73
N ASN C 78 15.19 7.50 19.63
CA ASN C 78 15.58 6.12 19.37
C ASN C 78 14.55 5.45 18.47
N ASP C 79 14.83 4.19 18.12
CA ASP C 79 13.93 3.37 17.32
C ASP C 79 12.50 3.46 17.83
N THR C 80 11.58 3.83 16.93
CA THR C 80 10.16 3.95 17.29
C THR C 80 9.61 2.60 17.78
N GLN C 81 10.12 1.50 17.25
CA GLN C 81 9.71 0.18 17.73
C GLN C 81 10.09 0.00 19.20
N VAL C 82 11.24 0.52 19.60
CA VAL C 82 11.65 0.44 21.00
C VAL C 82 10.87 1.43 21.84
N ASN C 83 10.57 2.61 21.29
CA ASN C 83 9.71 3.56 22.00
C ASN C 83 8.34 2.98 22.29
N THR C 84 7.85 2.12 21.40
CA THR C 84 6.53 1.52 21.59
C THR C 84 6.52 0.52 22.73
N GLU C 85 7.65 -0.15 22.98
CA GLU C 85 7.72 -1.09 24.10
C GLU C 85 7.42 -0.38 25.42
N TYR C 86 7.88 0.87 25.56
CA TYR C 86 7.57 1.64 26.77
C TYR C 86 6.08 1.88 26.90
N MET C 87 5.39 2.11 25.79
CA MET C 87 3.96 2.37 25.86
C MET C 87 3.16 1.10 26.13
N VAL C 88 3.50 0.00 25.46
CA VAL C 88 2.81 -1.27 25.69
C VAL C 88 2.97 -1.69 27.15
N ASN C 89 4.20 -1.64 27.67
CA ASN C 89 4.44 -1.97 29.07
C ASN C 89 3.69 -1.03 30.00
N ALA C 90 3.61 0.26 29.64
CA ALA C 90 2.91 1.22 30.48
C ALA C 90 1.41 0.94 30.52
N ILE C 91 0.83 0.54 29.38
CA ILE C 91 -0.59 0.25 29.33
C ILE C 91 -0.91 -0.96 30.21
N THR C 92 -0.11 -2.02 30.09
CA THR C 92 -0.31 -3.19 30.94
C THR C 92 -0.21 -2.82 32.42
N THR C 93 0.79 -2.02 32.78
CA THR C 93 0.98 -1.63 34.18
C THR C 93 -0.18 -0.78 34.68
N LEU C 94 -0.54 0.26 33.92
CA LEU C 94 -1.59 1.18 34.37
C LEU C 94 -2.96 0.53 34.35
N TYR C 95 -3.19 -0.41 33.44
CA TYR C 95 -4.45 -1.15 33.44
C TYR C 95 -4.63 -1.90 34.74
N ALA C 96 -3.63 -2.69 35.13
CA ALA C 96 -3.69 -3.39 36.41
C ALA C 96 -3.59 -2.42 37.58
N GLY C 97 -2.79 -1.36 37.43
CA GLY C 97 -2.60 -0.40 38.51
C GLY C 97 -3.84 0.40 38.86
N SER C 98 -4.83 0.42 37.96
CA SER C 98 -6.08 1.13 38.20
C SER C 98 -7.26 0.18 38.40
N GLY C 99 -6.98 -1.04 38.88
CA GLY C 99 -8.03 -1.99 39.14
C GLY C 99 -8.59 -2.66 37.91
N ASN C 100 -7.75 -2.96 36.92
CA ASN C 100 -8.15 -3.61 35.67
C ASN C 100 -9.25 -2.80 34.98
N ASN C 101 -8.98 -1.51 34.77
CA ASN C 101 -9.88 -0.62 34.07
C ASN C 101 -9.17 -0.04 32.86
N LYS C 102 -9.91 0.09 31.76
CA LYS C 102 -9.35 0.69 30.57
C LYS C 102 -9.01 2.16 30.83
N LEU C 103 -7.99 2.65 30.14
CA LEU C 103 -7.53 4.01 30.35
C LEU C 103 -7.37 4.72 29.01
N PRO C 104 -7.53 6.04 28.99
CA PRO C 104 -7.30 6.80 27.76
C PRO C 104 -5.83 7.08 27.55
N VAL C 105 -5.46 7.26 26.29
CA VAL C 105 -4.10 7.59 25.91
C VAL C 105 -4.12 8.86 25.07
N LEU C 106 -3.32 9.84 25.45
CA LEU C 106 -3.23 11.12 24.75
C LEU C 106 -1.80 11.30 24.27
N THR C 107 -1.65 11.67 23.00
CA THR C 107 -0.34 11.68 22.35
C THR C 107 -0.15 12.98 21.58
N VAL C 108 1.08 13.17 21.10
CA VAL C 108 1.40 14.25 20.18
C VAL C 108 2.53 13.77 19.27
N SER C 109 2.43 14.14 17.99
CA SER C 109 3.50 13.92 17.01
C SER C 109 3.82 12.44 16.93
N GLN C 110 5.07 12.00 17.14
CA GLN C 110 5.42 10.59 17.09
C GLN C 110 4.64 9.76 18.10
N GLY C 111 4.16 10.39 19.18
CA GLY C 111 3.43 9.64 20.19
C GLY C 111 2.21 8.94 19.62
N GLY C 112 1.51 9.59 18.69
CA GLY C 112 0.38 8.94 18.04
C GLY C 112 0.82 7.79 17.15
N LEU C 113 1.94 7.96 16.45
CA LEU C 113 2.51 6.87 15.67
C LEU C 113 2.89 5.69 16.57
N VAL C 114 3.41 5.98 17.77
CA VAL C 114 3.75 4.93 18.70
C VAL C 114 2.50 4.21 19.19
N ALA C 115 1.43 4.97 19.47
CA ALA C 115 0.21 4.37 19.99
C ALA C 115 -0.40 3.40 18.99
N GLN C 116 -0.50 3.81 17.72
CA GLN C 116 -1.09 2.95 16.71
C GLN C 116 -0.20 1.76 16.39
N TRP C 117 1.13 1.93 16.50
CA TRP C 117 2.04 0.81 16.31
C TRP C 117 1.84 -0.27 17.37
N GLY C 118 1.65 0.14 18.63
CA GLY C 118 1.42 -0.83 19.68
C GLY C 118 0.10 -1.56 19.54
N LEU C 119 -0.96 -0.83 19.21
CA LEU C 119 -2.25 -1.46 19.00
C LEU C 119 -2.25 -2.37 17.78
N THR C 120 -1.41 -2.07 16.79
CA THR C 120 -1.35 -2.89 15.59
C THR C 120 -0.67 -4.22 15.87
N PHE C 121 0.49 -4.19 16.53
CA PHE C 121 1.34 -5.36 16.64
C PHE C 121 1.35 -6.01 18.02
N PHE C 122 0.75 -5.39 19.04
CA PHE C 122 0.66 -5.95 20.39
C PHE C 122 -0.80 -6.10 20.75
N PRO C 123 -1.43 -7.23 20.37
CA PRO C 123 -2.90 -7.34 20.54
C PRO C 123 -3.39 -7.28 21.98
N SER C 124 -2.52 -7.52 22.98
CA SER C 124 -3.01 -7.63 24.35
C SER C 124 -3.50 -6.29 24.89
N ILE C 125 -2.97 -5.17 24.39
CA ILE C 125 -3.35 -3.85 24.92
C ILE C 125 -4.62 -3.30 24.31
N ARG C 126 -5.18 -3.97 23.31
CA ARG C 126 -6.39 -3.45 22.65
C ARG C 126 -7.58 -3.44 23.59
N SER C 127 -7.65 -4.38 24.52
CA SER C 127 -8.72 -4.43 25.51
C SER C 127 -8.36 -3.63 26.77
N LYS C 128 -7.26 -2.89 26.74
CA LYS C 128 -6.82 -2.10 27.87
C LYS C 128 -6.80 -0.60 27.59
N VAL C 129 -6.97 -0.18 26.34
CA VAL C 129 -7.00 1.22 25.96
C VAL C 129 -8.44 1.59 25.63
N ASP C 130 -8.98 2.56 26.38
CA ASP C 130 -10.38 2.95 26.21
C ASP C 130 -10.56 3.91 25.05
N ARG C 131 -9.55 4.75 24.78
CA ARG C 131 -9.63 5.69 23.67
C ARG C 131 -8.23 6.22 23.40
N LEU C 132 -8.08 6.87 22.25
CA LEU C 132 -6.84 7.52 21.87
C LEU C 132 -7.16 8.91 21.34
N MET C 133 -6.52 9.92 21.94
CA MET C 133 -6.68 11.32 21.54
C MET C 133 -5.32 11.77 21.04
N ALA C 134 -5.12 11.72 19.73
CA ALA C 134 -3.83 12.01 19.12
C ALA C 134 -3.84 13.41 18.51
N PHE C 135 -2.86 14.22 18.90
CA PHE C 135 -2.70 15.56 18.37
C PHE C 135 -1.55 15.56 17.37
N ALA C 136 -1.83 15.96 16.13
CA ALA C 136 -0.88 15.95 15.04
C ALA C 136 -0.09 14.64 14.91
N PRO C 137 -0.76 13.50 14.85
CA PRO C 137 -0.05 12.24 14.64
C PRO C 137 0.40 12.09 13.20
N ASP C 138 1.50 11.39 13.01
CA ASP C 138 2.07 11.18 11.68
C ASP C 138 2.07 9.69 11.36
N TYR C 139 0.87 9.13 11.14
CA TYR C 139 0.76 7.72 10.80
C TYR C 139 1.41 7.42 9.46
N LYS C 140 1.44 8.39 8.55
CA LYS C 140 2.11 8.26 7.27
C LYS C 140 3.49 8.90 7.28
N GLY C 141 3.98 9.31 8.45
CA GLY C 141 5.22 10.05 8.48
C GLY C 141 5.02 11.47 7.98
N THR C 142 6.11 12.07 7.54
CA THR C 142 6.08 13.43 7.02
C THR C 142 6.98 13.53 5.79
N VAL C 143 6.55 14.36 4.83
CA VAL C 143 7.37 14.62 3.65
C VAL C 143 8.36 15.75 3.86
N LEU C 144 8.31 16.41 5.01
CA LEU C 144 9.21 17.53 5.30
C LEU C 144 10.55 17.00 5.80
N ALA C 145 11.59 17.20 4.99
CA ALA C 145 12.94 16.75 5.30
C ALA C 145 13.59 17.63 6.36
N GLY C 146 14.71 17.15 6.90
CA GLY C 146 15.43 17.85 7.93
C GLY C 146 16.04 19.15 7.46
N PRO C 147 16.26 20.08 8.40
CA PRO C 147 16.82 21.38 8.03
C PRO C 147 18.27 21.32 7.60
N LEU C 148 19.00 20.25 7.93
CA LEU C 148 20.42 20.16 7.63
C LEU C 148 20.64 19.45 6.30
N ASP C 149 21.88 19.06 6.04
CA ASP C 149 22.24 18.38 4.80
C ASP C 149 21.80 16.91 4.86
N ALA C 150 21.75 16.29 3.68
CA ALA C 150 21.46 14.86 3.55
C ALA C 150 22.75 14.04 3.52
N LEU C 151 23.63 14.40 4.45
CA LEU C 151 24.90 13.70 4.65
C LEU C 151 25.26 13.54 6.11
N ALA C 152 24.66 14.34 7.00
CA ALA C 152 24.84 14.25 8.44
C ALA C 152 23.93 13.21 9.09
N GLY C 153 23.16 12.46 8.30
CA GLY C 153 22.28 11.46 8.88
C GLY C 153 21.06 12.08 9.55
N SER C 154 20.36 11.24 10.29
CA SER C 154 19.17 11.65 11.02
C SER C 154 18.99 10.72 12.21
N ALA C 155 18.19 11.18 13.17
CA ALA C 155 17.87 10.34 14.32
C ALA C 155 17.14 9.08 13.87
N PRO C 156 17.31 7.97 14.60
CA PRO C 156 16.60 6.74 14.21
C PRO C 156 15.10 6.91 14.03
N SER C 157 14.43 7.57 14.97
CA SER C 157 12.99 7.77 14.82
C SER C 157 12.68 8.75 13.69
N VAL C 158 13.62 9.64 13.36
CA VAL C 158 13.39 10.58 12.26
C VAL C 158 13.48 9.86 10.93
N TRP C 159 14.37 8.88 10.82
CA TRP C 159 14.39 7.99 9.65
C TRP C 159 13.03 7.31 9.48
N GLN C 160 12.48 6.78 10.57
CA GLN C 160 11.26 6.00 10.50
C GLN C 160 10.02 6.87 10.29
N GLN C 161 10.09 8.16 10.62
CA GLN C 161 8.99 9.07 10.41
C GLN C 161 9.07 9.77 9.06
N THR C 162 10.00 9.38 8.21
CA THR C 162 10.07 9.91 6.85
C THR C 162 9.06 9.17 5.97
N THR C 163 8.38 9.92 5.11
CA THR C 163 7.43 9.33 4.19
C THR C 163 8.09 8.24 3.35
N GLY C 164 7.42 7.11 3.23
CA GLY C 164 7.96 5.99 2.50
C GLY C 164 8.93 5.12 3.28
N SER C 165 9.11 5.38 4.57
CA SER C 165 10.01 4.56 5.37
C SER C 165 9.47 3.14 5.51
N ALA C 166 10.36 2.23 5.88
CA ALA C 166 9.94 0.86 6.15
C ALA C 166 8.98 0.81 7.32
N LEU C 167 9.17 1.68 8.32
CA LEU C 167 8.30 1.69 9.50
C LEU C 167 6.88 2.07 9.11
N THR C 168 6.71 3.22 8.45
CA THR C 168 5.38 3.64 8.02
C THR C 168 4.79 2.68 7.00
N THR C 169 5.63 2.07 6.17
CA THR C 169 5.13 1.09 5.20
C THR C 169 4.54 -0.13 5.89
N ALA C 170 5.23 -0.64 6.92
CA ALA C 170 4.77 -1.84 7.60
C ALA C 170 3.49 -1.59 8.37
N LEU C 171 3.34 -0.41 8.98
CA LEU C 171 2.12 -0.09 9.69
C LEU C 171 0.93 -0.05 8.74
N ARG C 172 1.12 0.56 7.57
CA ARG C 172 0.04 0.63 6.58
C ARG C 172 -0.33 -0.76 6.07
N ASN C 173 0.66 -1.54 5.65
CA ASN C 173 0.39 -2.85 5.05
C ASN C 173 -0.15 -3.86 6.05
N ALA C 174 0.08 -3.66 7.34
CA ALA C 174 -0.50 -4.53 8.36
C ALA C 174 -1.92 -4.14 8.74
N GLY C 175 -2.49 -3.13 8.09
CA GLY C 175 -3.81 -2.66 8.43
C GLY C 175 -3.86 -1.60 9.51
N GLY C 176 -2.74 -0.95 9.80
CA GLY C 176 -2.65 0.01 10.87
C GLY C 176 -3.18 1.39 10.60
N LEU C 177 -3.63 1.68 9.38
CA LEU C 177 -4.23 2.97 9.07
C LEU C 177 -5.73 2.99 9.31
N THR C 178 -6.28 1.94 9.90
CA THR C 178 -7.66 1.91 10.38
C THR C 178 -7.63 1.95 11.90
N GLN C 179 -8.51 2.75 12.50
CA GLN C 179 -8.51 2.87 13.95
C GLN C 179 -8.76 1.51 14.59
N ILE C 180 -8.11 1.27 15.72
CA ILE C 180 -8.20 0.01 16.43
C ILE C 180 -8.99 0.15 17.72
N VAL C 181 -8.85 1.29 18.41
CA VAL C 181 -9.73 1.67 19.50
C VAL C 181 -10.37 2.99 19.08
N PRO C 182 -11.41 3.49 19.79
CA PRO C 182 -11.96 4.81 19.44
C PRO C 182 -10.88 5.89 19.43
N THR C 183 -10.63 6.47 18.26
CA THR C 183 -9.51 7.38 18.05
C THR C 183 -10.00 8.72 17.54
N THR C 184 -9.47 9.80 18.12
CA THR C 184 -9.70 11.15 17.64
C THR C 184 -8.36 11.72 17.18
N ASN C 185 -8.32 12.24 15.96
CA ASN C 185 -7.11 12.84 15.41
C ASN C 185 -7.37 14.31 15.14
N LEU C 186 -6.67 15.18 15.87
CA LEU C 186 -6.73 16.63 15.66
C LEU C 186 -5.42 17.05 15.00
N TYR C 187 -5.53 17.66 13.83
CA TYR C 187 -4.37 18.09 13.08
C TYR C 187 -4.72 19.35 12.29
N SER C 188 -3.73 19.91 11.61
CA SER C 188 -3.89 21.18 10.91
C SER C 188 -3.18 21.11 9.57
N ALA C 189 -3.75 21.81 8.58
CA ALA C 189 -3.13 21.87 7.26
C ALA C 189 -1.84 22.67 7.23
N THR C 190 -1.64 23.60 8.17
CA THR C 190 -0.43 24.40 8.22
C THR C 190 0.65 23.80 9.12
N ASP C 191 0.51 22.54 9.51
CA ASP C 191 1.51 21.89 10.35
C ASP C 191 2.88 21.97 9.68
N GLU C 192 3.84 22.59 10.37
CA GLU C 192 5.17 22.80 9.81
C GLU C 192 6.10 21.62 10.01
N ILE C 193 5.63 20.54 10.65
CA ILE C 193 6.44 19.37 10.89
C ILE C 193 5.89 18.13 10.19
N VAL C 194 4.57 17.92 10.26
CA VAL C 194 3.92 16.75 9.68
C VAL C 194 3.11 17.19 8.47
N GLN C 195 3.47 16.68 7.30
CA GLN C 195 2.73 16.94 6.06
C GLN C 195 2.78 15.68 5.20
N PRO C 196 1.80 15.49 4.30
CA PRO C 196 0.68 16.38 3.96
C PRO C 196 -0.52 16.27 4.91
N GLN C 197 -1.18 17.41 5.13
CA GLN C 197 -2.35 17.47 6.02
C GLN C 197 -3.46 18.33 5.42
N VAL C 198 -3.41 18.62 4.12
CA VAL C 198 -4.18 19.70 3.52
C VAL C 198 -5.40 19.19 2.76
N SER C 199 -5.70 17.90 2.85
CA SER C 199 -6.77 17.32 2.04
C SER C 199 -8.05 17.05 2.81
N ASN C 200 -8.00 16.99 4.14
CA ASN C 200 -9.14 16.59 4.96
C ASN C 200 -9.71 15.27 4.47
N SER C 201 -8.81 14.31 4.25
CA SER C 201 -9.14 13.07 3.55
C SER C 201 -8.12 12.02 3.95
N PRO C 202 -8.32 10.76 3.53
CA PRO C 202 -7.31 9.73 3.85
C PRO C 202 -5.91 10.04 3.35
N LEU C 203 -5.72 11.08 2.54
CA LEU C 203 -4.38 11.48 2.15
C LEU C 203 -3.61 12.10 3.30
N ASP C 204 -4.30 12.56 4.34
CA ASP C 204 -3.62 13.20 5.47
C ASP C 204 -2.82 12.19 6.27
N SER C 205 -1.69 12.66 6.81
CA SER C 205 -0.85 11.78 7.62
C SER C 205 -1.52 11.43 8.94
N SER C 206 -2.36 12.31 9.47
CA SER C 206 -3.03 12.09 10.73
C SER C 206 -4.36 11.36 10.58
N TYR C 207 -4.75 11.00 9.36
CA TYR C 207 -6.05 10.39 9.11
C TYR C 207 -6.01 8.90 9.41
N LEU C 208 -7.00 8.42 10.16
CA LEU C 208 -7.24 7.00 10.37
C LEU C 208 -8.65 6.67 9.95
N PHE C 209 -8.81 5.62 9.15
CA PHE C 209 -10.13 5.23 8.69
C PHE C 209 -11.01 4.83 9.86
N ASN C 210 -12.26 5.32 9.83
CA ASN C 210 -13.28 5.17 10.85
C ASN C 210 -12.99 5.97 12.11
N GLY C 211 -11.87 6.67 12.18
CA GLY C 211 -11.57 7.52 13.32
C GLY C 211 -12.30 8.85 13.23
N LYS C 212 -12.17 9.63 14.29
CA LYS C 212 -12.71 10.98 14.33
C LYS C 212 -11.57 11.92 13.93
N ASN C 213 -11.43 12.14 12.64
CA ASN C 213 -10.34 12.93 12.08
C ASN C 213 -10.79 14.37 11.99
N VAL C 214 -10.19 15.23 12.83
CA VAL C 214 -10.58 16.63 12.93
C VAL C 214 -9.44 17.47 12.38
N GLN C 215 -9.58 17.91 11.13
CA GLN C 215 -8.69 18.91 10.58
C GLN C 215 -9.18 20.30 11.02
N ALA C 216 -8.28 21.08 11.61
CA ALA C 216 -8.69 22.35 12.22
C ALA C 216 -9.31 23.29 11.19
N GLN C 217 -8.80 23.29 9.96
CA GLN C 217 -9.34 24.18 8.94
C GLN C 217 -10.73 23.75 8.50
N ALA C 218 -11.06 22.46 8.64
CA ALA C 218 -12.40 21.99 8.29
C ALA C 218 -13.46 22.55 9.22
N VAL C 219 -13.12 22.78 10.48
CA VAL C 219 -14.07 23.32 11.45
C VAL C 219 -14.02 24.84 11.47
N CYS C 220 -12.83 25.42 11.30
CA CYS C 220 -12.60 26.82 11.59
C CYS C 220 -12.49 27.71 10.36
N GLY C 221 -12.35 27.14 9.17
CA GLY C 221 -12.24 27.93 7.97
C GLY C 221 -10.95 27.69 7.24
N PRO C 222 -10.91 28.02 5.95
CA PRO C 222 -9.71 27.71 5.15
C PRO C 222 -8.50 28.55 5.48
N LEU C 223 -8.68 29.72 6.09
CA LEU C 223 -7.56 30.59 6.44
C LEU C 223 -7.18 30.50 7.92
N PHE C 224 -7.72 29.51 8.63
CA PHE C 224 -7.33 29.31 10.03
C PHE C 224 -5.91 28.78 10.10
N VAL C 225 -5.10 29.36 10.98
CA VAL C 225 -3.69 29.00 11.12
C VAL C 225 -3.48 28.44 12.52
N ILE C 226 -2.90 27.24 12.58
CA ILE C 226 -2.47 26.64 13.85
C ILE C 226 -1.36 25.65 13.54
N ASP C 227 -0.18 25.88 14.13
CA ASP C 227 1.02 25.15 13.76
C ASP C 227 1.06 23.80 14.47
N HIS C 228 2.24 23.15 14.42
CA HIS C 228 2.39 21.83 15.02
C HIS C 228 2.19 21.87 16.53
N ALA C 229 2.92 22.75 17.23
CA ALA C 229 2.79 22.82 18.68
C ALA C 229 1.40 23.28 19.10
N GLY C 230 0.81 24.22 18.36
CA GLY C 230 -0.52 24.68 18.69
C GLY C 230 -1.58 23.61 18.56
N SER C 231 -1.37 22.65 17.65
CA SER C 231 -2.32 21.55 17.51
C SER C 231 -2.47 20.76 18.79
N LEU C 232 -1.49 20.84 19.70
CA LEU C 232 -1.54 20.17 20.99
C LEU C 232 -1.99 21.09 22.13
N THR C 233 -1.52 22.33 22.15
CA THR C 233 -1.67 23.20 23.31
C THR C 233 -2.78 24.22 23.19
N SER C 234 -3.41 24.35 22.02
CA SER C 234 -4.37 25.43 21.80
C SER C 234 -5.65 25.20 22.59
N GLN C 235 -6.39 26.30 22.78
CA GLN C 235 -7.72 26.21 23.38
C GLN C 235 -8.66 25.37 22.52
N PHE C 236 -8.52 25.49 21.19
CA PHE C 236 -9.28 24.63 20.29
C PHE C 236 -8.97 23.16 20.53
N SER C 237 -7.69 22.84 20.70
CA SER C 237 -7.30 21.45 20.96
C SER C 237 -7.85 20.97 22.29
N TYR C 238 -7.91 21.85 23.29
CA TYR C 238 -8.44 21.48 24.59
C TYR C 238 -9.92 21.11 24.51
N VAL C 239 -10.72 21.93 23.82
CA VAL C 239 -12.14 21.66 23.71
C VAL C 239 -12.38 20.32 22.99
N VAL C 240 -11.64 20.07 21.91
CA VAL C 240 -11.78 18.82 21.19
C VAL C 240 -11.27 17.65 22.04
N GLY C 241 -10.13 17.83 22.70
CA GLY C 241 -9.60 16.76 23.54
C GLY C 241 -10.48 16.46 24.72
N ARG C 242 -10.98 17.49 25.40
CA ARG C 242 -11.89 17.28 26.52
C ARG C 242 -13.15 16.55 26.07
N SER C 243 -13.63 16.87 24.86
CA SER C 243 -14.79 16.18 24.33
C SER C 243 -14.50 14.70 24.10
N ALA C 244 -13.32 14.38 23.57
CA ALA C 244 -12.97 12.99 23.29
C ALA C 244 -12.83 12.19 24.58
N LEU C 245 -12.31 12.81 25.63
CA LEU C 245 -12.13 12.09 26.89
C LEU C 245 -13.45 11.87 27.62
N ARG C 246 -14.34 12.85 27.57
CA ARG C 246 -15.62 12.79 28.25
C ARG C 246 -16.71 12.09 27.45
N SER C 247 -16.41 11.66 26.22
CA SER C 247 -17.43 11.12 25.33
C SER C 247 -17.72 9.66 25.64
N THR C 248 -19.00 9.31 25.59
CA THR C 248 -19.42 7.93 25.79
C THR C 248 -19.13 7.05 24.57
N THR C 249 -18.84 7.65 23.42
CA THR C 249 -18.49 6.90 22.23
C THR C 249 -16.99 6.69 22.07
N GLY C 250 -16.18 7.35 22.89
CA GLY C 250 -14.74 7.26 22.79
C GLY C 250 -14.11 8.21 21.79
N GLN C 251 -14.91 9.00 21.08
CA GLN C 251 -14.41 9.96 20.12
C GLN C 251 -14.97 11.35 20.43
N ALA C 252 -14.23 12.38 20.04
CA ALA C 252 -14.73 13.73 20.15
C ALA C 252 -16.02 13.88 19.34
N ARG C 253 -16.91 14.75 19.81
CA ARG C 253 -18.23 14.92 19.23
C ARG C 253 -18.37 16.33 18.68
N SER C 254 -18.87 16.42 17.44
CA SER C 254 -19.00 17.72 16.76
C SER C 254 -19.91 18.67 17.52
N ALA C 255 -20.83 18.17 18.34
CA ALA C 255 -21.70 19.04 19.12
C ALA C 255 -20.98 19.70 20.29
N ASP C 256 -19.78 19.23 20.65
CA ASP C 256 -19.04 19.78 21.76
C ASP C 256 -18.13 20.95 21.38
N TYR C 257 -17.90 21.16 20.09
CA TYR C 257 -17.05 22.25 19.64
C TYR C 257 -17.63 22.89 18.39
N GLY C 258 -17.23 24.13 18.15
CA GLY C 258 -17.70 24.86 16.99
C GLY C 258 -16.73 25.97 16.65
N ILE C 259 -17.19 26.87 15.76
CA ILE C 259 -16.32 27.94 15.29
C ILE C 259 -15.94 28.87 16.44
N THR C 260 -16.80 28.97 17.47
CA THR C 260 -16.50 29.80 18.62
C THR C 260 -15.34 29.29 19.46
N ASP C 261 -14.90 28.05 19.26
CA ASP C 261 -13.77 27.49 19.97
C ASP C 261 -12.47 27.57 19.17
N CYS C 262 -12.48 28.24 18.03
CA CYS C 262 -11.33 28.25 17.11
C CYS C 262 -10.30 29.27 17.59
N ASN C 263 -9.61 28.88 18.66
CA ASN C 263 -8.55 29.70 19.26
C ASN C 263 -7.24 28.95 19.20
N PRO C 264 -6.28 29.35 18.36
CA PRO C 264 -5.01 28.62 18.27
C PRO C 264 -4.05 28.97 19.40
N LEU C 265 -4.36 29.95 20.23
CA LEU C 265 -3.52 30.30 21.35
C LEU C 265 -3.69 29.26 22.46
N PRO C 266 -2.72 29.17 23.38
CA PRO C 266 -2.79 28.14 24.44
C PRO C 266 -4.11 28.20 25.20
N ALA C 267 -4.48 27.05 25.76
CA ALA C 267 -5.77 26.88 26.41
C ALA C 267 -5.99 27.95 27.48
N ASN C 268 -7.23 28.44 27.56
CA ASN C 268 -7.55 29.54 28.47
C ASN C 268 -7.30 29.17 29.91
N ASP C 269 -7.53 27.91 30.29
CA ASP C 269 -7.39 27.50 31.69
C ASP C 269 -5.95 27.45 32.16
N LEU C 270 -4.98 27.48 31.24
CA LEU C 270 -3.58 27.51 31.64
C LEU C 270 -3.23 28.83 32.30
N THR C 271 -2.35 28.78 33.28
CA THR C 271 -1.87 30.00 33.92
C THR C 271 -1.05 30.80 32.92
N PRO C 272 -0.90 32.12 33.16
CA PRO C 272 -0.07 32.92 32.25
C PRO C 272 1.33 32.36 32.06
N GLU C 273 1.92 31.81 33.13
CA GLU C 273 3.23 31.18 33.00
C GLU C 273 3.16 29.90 32.18
N GLN C 274 2.06 29.15 32.31
CA GLN C 274 1.94 27.89 31.57
C GLN C 274 1.71 28.14 30.08
N LYS C 275 0.96 29.21 29.75
CA LYS C 275 0.78 29.55 28.34
C LYS C 275 2.12 29.92 27.69
N VAL C 276 2.95 30.68 28.41
CA VAL C 276 4.26 31.04 27.89
C VAL C 276 5.12 29.79 27.72
N ALA C 277 5.08 28.88 28.70
CA ALA C 277 5.81 27.62 28.57
C ALA C 277 5.27 26.77 27.42
N ALA C 278 3.96 26.81 27.19
CA ALA C 278 3.37 26.05 26.09
C ALA C 278 3.85 26.58 24.74
N ALA C 279 4.11 27.88 24.63
CA ALA C 279 4.57 28.44 23.37
C ALA C 279 5.98 27.99 23.02
N ALA C 280 6.79 27.61 24.02
CA ALA C 280 8.15 27.11 23.80
C ALA C 280 8.19 25.59 23.78
N LEU C 281 7.12 24.96 23.31
CA LEU C 281 7.02 23.50 23.36
C LEU C 281 8.14 22.83 22.59
N LEU C 282 8.47 23.33 21.41
CA LEU C 282 9.39 22.64 20.50
C LEU C 282 10.85 22.99 20.74
N ALA C 283 11.15 23.76 21.79
CA ALA C 283 12.55 24.09 22.08
C ALA C 283 13.42 22.86 22.28
N PRO C 284 13.01 21.83 23.03
CA PRO C 284 13.84 20.62 23.08
C PRO C 284 13.86 19.86 21.76
N TYR C 285 12.79 19.92 20.97
CA TYR C 285 12.79 19.28 19.66
C TYR C 285 13.78 19.93 18.71
N TYR C 286 13.80 21.26 18.67
CA TYR C 286 14.75 21.98 17.82
C TYR C 286 16.19 21.62 18.17
N ALA C 287 16.50 21.56 19.46
CA ALA C 287 17.86 21.18 19.86
C ALA C 287 18.19 19.76 19.44
N ALA C 288 17.20 18.86 19.51
CA ALA C 288 17.45 17.46 19.20
C ALA C 288 17.75 17.26 17.72
N ILE C 289 17.06 17.99 16.83
CA ILE C 289 17.28 17.78 15.41
C ILE C 289 18.60 18.38 14.92
N VAL C 290 19.15 19.36 15.62
CA VAL C 290 20.37 20.03 15.16
C VAL C 290 21.59 19.47 15.88
N ALA C 291 21.40 18.99 17.12
CA ALA C 291 22.52 18.54 17.93
C ALA C 291 22.28 17.21 18.61
N GLY C 292 21.26 16.46 18.21
CA GLY C 292 20.98 15.17 18.78
C GLY C 292 21.62 14.03 18.02
N PRO C 293 21.40 12.80 18.48
CA PRO C 293 21.97 11.64 17.78
C PRO C 293 21.45 11.51 16.35
N LYS C 294 22.32 11.00 15.49
CA LYS C 294 22.01 10.79 14.08
C LYS C 294 22.70 9.52 13.61
N GLN C 295 22.08 8.84 12.64
CA GLN C 295 22.66 7.66 12.03
C GLN C 295 22.40 7.67 10.53
N ASN C 296 23.02 6.73 9.82
CA ASN C 296 23.10 6.77 8.37
C ASN C 296 22.17 5.77 7.68
N CYS C 297 21.21 5.19 8.40
CA CYS C 297 20.26 4.27 7.78
C CYS C 297 19.04 4.15 8.67
N GLU C 298 17.93 3.71 8.08
CA GLU C 298 16.73 3.47 8.86
C GLU C 298 16.88 2.17 9.65
N PRO C 299 16.53 2.16 10.94
CA PRO C 299 16.67 0.94 11.73
C PRO C 299 15.92 -0.23 11.10
N ASP C 300 16.46 -1.43 11.30
CA ASP C 300 15.81 -2.64 10.81
C ASP C 300 14.46 -2.81 11.49
N LEU C 301 13.54 -3.43 10.77
CA LEU C 301 12.23 -3.75 11.33
C LEU C 301 12.32 -4.97 12.23
N MET C 302 11.53 -4.96 13.30
CA MET C 302 11.43 -6.10 14.17
C MET C 302 10.82 -7.29 13.41
N PRO C 303 11.10 -8.52 13.86
CA PRO C 303 10.57 -9.68 13.14
C PRO C 303 9.06 -9.69 12.99
N TYR C 304 8.32 -9.13 13.96
CA TYR C 304 6.86 -9.18 13.88
C TYR C 304 6.32 -8.26 12.78
N ALA C 305 7.03 -7.17 12.47
CA ALA C 305 6.57 -6.22 11.46
C ALA C 305 7.30 -6.35 10.14
N ARG C 306 8.46 -7.02 10.14
CA ARG C 306 9.26 -7.16 8.93
C ARG C 306 8.51 -7.70 7.72
N PRO C 307 7.58 -8.67 7.83
CA PRO C 307 6.91 -9.17 6.63
C PRO C 307 6.07 -8.14 5.88
N PHE C 308 5.79 -6.97 6.47
CA PHE C 308 4.87 -6.01 5.88
C PHE C 308 5.58 -4.89 5.12
N ALA C 309 6.88 -5.01 4.87
CA ALA C 309 7.61 -3.97 4.15
C ALA C 309 8.63 -4.58 3.20
N VAL C 310 8.22 -5.60 2.45
CA VAL C 310 9.13 -6.22 1.50
C VAL C 310 9.50 -5.20 0.43
N GLY C 311 10.80 -5.07 0.16
CA GLY C 311 11.32 -4.15 -0.81
C GLY C 311 11.95 -2.90 -0.23
N LYS C 312 11.65 -2.57 1.02
CA LYS C 312 12.21 -1.39 1.66
C LYS C 312 13.57 -1.68 2.28
N ARG C 313 14.42 -0.66 2.25
CA ARG C 313 15.81 -0.77 2.68
C ARG C 313 15.96 -0.21 4.08
N THR C 314 16.53 -1.02 4.96
CA THR C 314 16.91 -0.60 6.30
C THR C 314 18.42 -0.78 6.45
N CYS C 315 18.89 -0.72 7.70
CA CYS C 315 20.33 -0.77 7.94
C CYS C 315 20.95 -2.08 7.43
N SER C 316 20.21 -3.20 7.56
CA SER C 316 20.73 -4.50 7.16
C SER C 316 20.66 -4.74 5.65
N GLY C 317 19.82 -3.98 4.93
CA GLY C 317 19.60 -4.15 3.51
C GLY C 317 18.13 -4.07 3.19
N ILE C 318 17.75 -4.71 2.09
CA ILE C 318 16.36 -4.71 1.64
C ILE C 318 15.62 -5.87 2.27
N VAL C 319 14.54 -5.56 2.98
CA VAL C 319 13.61 -6.54 3.52
C VAL C 319 13.27 -7.56 2.44
N THR C 320 13.94 -8.70 2.44
CA THR C 320 13.63 -9.73 1.46
C THR C 320 12.35 -10.46 1.84
N PRO C 321 11.65 -11.08 0.87
CA PRO C 321 10.44 -11.84 1.18
C PRO C 321 10.71 -13.03 2.09
N ALA D 4 29.90 55.81 3.16
CA ALA D 4 29.31 56.55 2.05
C ALA D 4 27.99 55.92 1.62
N LEU D 5 27.09 56.75 1.12
CA LEU D 5 25.78 56.34 0.65
C LEU D 5 25.48 57.07 -0.65
N PRO D 6 24.54 56.57 -1.45
CA PRO D 6 24.10 57.33 -2.62
C PRO D 6 23.64 58.73 -2.22
N SER D 7 24.00 59.71 -3.05
CA SER D 7 23.71 61.11 -2.78
C SER D 7 23.05 61.73 -4.02
N GLY D 8 22.61 62.97 -3.86
CA GLY D 8 22.00 63.70 -4.95
C GLY D 8 20.49 63.61 -4.92
N SER D 9 19.90 63.86 -6.09
CA SER D 9 18.45 63.88 -6.21
C SER D 9 17.88 62.46 -6.08
N ASP D 10 16.65 62.38 -5.60
CA ASP D 10 15.95 61.11 -5.58
C ASP D 10 15.75 60.61 -7.00
N PRO D 11 15.88 59.31 -7.24
CA PRO D 11 15.51 58.77 -8.55
C PRO D 11 14.04 59.01 -8.84
N ALA D 12 13.70 59.03 -10.13
CA ALA D 12 12.32 59.26 -10.53
C ALA D 12 11.49 58.01 -10.26
N PHE D 13 10.24 58.23 -9.84
CA PHE D 13 9.32 57.13 -9.65
C PHE D 13 8.90 56.55 -10.98
N SER D 14 8.80 55.21 -11.05
CA SER D 14 8.29 54.56 -12.23
C SER D 14 6.77 54.54 -12.29
N GLN D 15 6.11 54.83 -11.16
CA GLN D 15 4.66 54.88 -11.08
C GLN D 15 4.19 56.33 -10.99
N PRO D 16 3.02 56.65 -11.57
CA PRO D 16 2.47 57.99 -11.40
C PRO D 16 2.16 58.26 -9.94
N LYS D 17 2.27 59.53 -9.54
CA LYS D 17 2.08 59.88 -8.13
C LYS D 17 0.66 59.57 -7.67
N SER D 18 -0.32 59.65 -8.56
CA SER D 18 -1.68 59.31 -8.20
C SER D 18 -1.81 57.83 -7.85
N VAL D 19 -1.01 56.97 -8.50
CA VAL D 19 -1.02 55.55 -8.16
C VAL D 19 -0.42 55.34 -6.78
N LEU D 20 0.73 55.97 -6.50
CA LEU D 20 1.35 55.85 -5.19
C LEU D 20 0.50 56.51 -4.11
N ASP D 21 -0.19 57.60 -4.43
CA ASP D 21 -1.10 58.20 -3.46
C ASP D 21 -2.25 57.27 -3.13
N ALA D 22 -2.68 56.45 -4.09
CA ALA D 22 -3.78 55.53 -3.84
C ALA D 22 -3.42 54.44 -2.84
N GLY D 23 -2.14 54.13 -2.69
CA GLY D 23 -1.68 53.09 -1.78
C GLY D 23 -1.42 53.53 -0.36
N LEU D 24 -1.59 54.81 -0.04
CA LEU D 24 -1.33 55.33 1.30
C LEU D 24 -2.64 55.63 2.00
N THR D 25 -2.79 55.12 3.22
CA THR D 25 -3.99 55.35 4.01
C THR D 25 -3.59 55.67 5.45
N CYS D 26 -4.29 56.62 6.05
CA CYS D 26 -4.13 56.94 7.45
C CYS D 26 -5.46 56.68 8.16
N GLN D 27 -5.37 56.20 9.40
CA GLN D 27 -6.56 55.88 10.18
C GLN D 27 -7.21 57.17 10.68
N GLY D 28 -8.40 57.47 10.17
CA GLY D 28 -9.16 58.61 10.65
C GLY D 28 -8.60 59.97 10.30
N ALA D 29 -7.79 60.07 9.24
CA ALA D 29 -7.20 61.34 8.87
C ALA D 29 -6.73 61.27 7.42
N SER D 30 -6.63 62.44 6.82
CA SER D 30 -6.03 62.54 5.49
C SER D 30 -4.52 62.68 5.60
N PRO D 31 -3.76 62.04 4.71
CA PRO D 31 -2.29 62.12 4.80
C PRO D 31 -1.74 63.54 4.75
N SER D 32 -2.45 64.48 4.11
CA SER D 32 -1.97 65.84 3.99
C SER D 32 -2.26 66.69 5.21
N SER D 33 -2.99 66.15 6.20
CA SER D 33 -3.28 66.87 7.44
C SER D 33 -3.48 65.81 8.54
N VAL D 34 -2.35 65.34 9.08
CA VAL D 34 -2.34 64.23 10.02
C VAL D 34 -1.49 64.61 11.23
N SER D 35 -1.93 64.18 12.42
CA SER D 35 -1.25 64.48 13.67
C SER D 35 -0.46 63.26 14.14
N LYS D 36 0.85 63.44 14.35
CA LYS D 36 1.75 62.40 14.80
C LYS D 36 1.58 61.08 14.02
N PRO D 37 1.81 61.09 12.70
CA PRO D 37 1.63 59.87 11.94
C PRO D 37 2.77 58.88 12.19
N ILE D 38 2.46 57.61 11.96
CA ILE D 38 3.46 56.56 11.92
C ILE D 38 3.20 55.71 10.69
N LEU D 39 4.25 55.50 9.89
CA LEU D 39 4.12 54.74 8.66
C LEU D 39 4.41 53.27 8.94
N LEU D 40 3.43 52.42 8.65
CA LEU D 40 3.56 50.97 8.82
C LEU D 40 3.71 50.35 7.44
N VAL D 41 4.79 49.59 7.25
CA VAL D 41 5.08 48.94 5.98
C VAL D 41 4.87 47.44 6.17
N PRO D 42 3.97 46.81 5.42
CA PRO D 42 3.61 45.42 5.67
C PRO D 42 4.68 44.47 5.13
N GLY D 43 4.44 43.17 5.36
CA GLY D 43 5.35 42.13 4.94
C GLY D 43 4.90 41.47 3.64
N THR D 44 5.73 40.52 3.19
CA THR D 44 5.45 39.81 1.95
C THR D 44 4.09 39.10 2.03
N GLY D 45 3.32 39.22 0.95
CA GLY D 45 2.05 38.53 0.88
C GLY D 45 0.92 39.16 1.65
N THR D 46 1.08 40.41 2.11
CA THR D 46 0.05 41.06 2.91
C THR D 46 -0.12 42.51 2.48
N THR D 47 -1.22 43.10 2.91
CA THR D 47 -1.47 44.52 2.81
C THR D 47 -1.19 45.18 4.15
N GLY D 48 -1.32 46.50 4.19
CA GLY D 48 -1.14 47.25 5.42
C GLY D 48 -2.03 46.76 6.54
N PRO D 49 -3.34 46.74 6.32
CA PRO D 49 -4.24 46.18 7.36
C PRO D 49 -3.97 44.72 7.68
N GLN D 50 -3.65 43.90 6.68
CA GLN D 50 -3.40 42.48 6.97
C GLN D 50 -2.19 42.30 7.88
N SER D 51 -1.21 43.21 7.80
CA SER D 51 -0.03 43.06 8.63
C SER D 51 -0.21 43.65 10.02
N PHE D 52 -1.03 44.69 10.17
CA PHE D 52 -1.04 45.46 11.40
C PHE D 52 -2.41 45.68 12.03
N ASP D 53 -3.51 45.23 11.40
CA ASP D 53 -4.82 45.39 12.03
C ASP D 53 -4.86 44.73 13.40
N SER D 54 -4.23 43.57 13.53
CA SER D 54 -4.27 42.81 14.78
C SER D 54 -3.23 43.23 15.79
N ASN D 55 -2.28 44.10 15.42
CA ASN D 55 -1.20 44.42 16.34
C ASN D 55 -0.91 45.92 16.42
N TRP D 56 -0.06 46.44 15.53
CA TRP D 56 0.52 47.75 15.75
C TRP D 56 -0.35 48.92 15.29
N ILE D 57 -1.46 48.66 14.59
CA ILE D 57 -2.39 49.75 14.30
C ILE D 57 -3.09 50.16 15.59
N PRO D 58 -3.67 49.24 16.37
CA PRO D 58 -4.22 49.67 17.67
C PRO D 58 -3.14 50.06 18.67
N LEU D 59 -1.99 49.37 18.66
CA LEU D 59 -0.95 49.66 19.65
C LEU D 59 -0.33 51.03 19.43
N SER D 60 -0.09 51.40 18.17
CA SER D 60 0.44 52.74 17.91
C SER D 60 -0.60 53.81 18.20
N ALA D 61 -1.88 53.51 17.98
CA ALA D 61 -2.94 54.45 18.30
C ALA D 61 -3.02 54.69 19.80
N GLN D 62 -2.90 53.64 20.61
CA GLN D 62 -2.97 53.81 22.05
C GLN D 62 -1.76 54.55 22.60
N LEU D 63 -0.66 54.59 21.87
CA LEU D 63 0.50 55.37 22.25
C LEU D 63 0.42 56.83 21.80
N GLY D 64 -0.63 57.19 21.05
CA GLY D 64 -0.84 58.56 20.63
C GLY D 64 -0.60 58.84 19.16
N TYR D 65 -0.23 57.85 18.37
CA TYR D 65 0.05 58.05 16.96
C TYR D 65 -1.21 57.90 16.11
N THR D 66 -1.16 58.46 14.91
CA THR D 66 -2.18 58.21 13.90
C THR D 66 -1.66 57.10 12.99
N PRO D 67 -2.24 55.90 13.05
CA PRO D 67 -1.72 54.78 12.23
C PRO D 67 -1.90 55.07 10.75
N CYS D 68 -0.78 55.04 10.02
CA CYS D 68 -0.79 55.13 8.57
C CYS D 68 -0.03 53.95 8.01
N TRP D 69 -0.40 53.55 6.79
CA TRP D 69 0.18 52.36 6.20
C TRP D 69 0.12 52.45 4.68
N ILE D 70 0.94 51.62 4.03
CA ILE D 70 0.92 51.46 2.59
C ILE D 70 0.58 50.02 2.26
N SER D 71 -0.05 49.82 1.11
CA SER D 71 -0.41 48.49 0.63
C SER D 71 -0.03 48.37 -0.84
N PRO D 72 1.27 48.26 -1.14
CA PRO D 72 1.70 48.12 -2.53
C PRO D 72 1.13 46.86 -3.16
N PRO D 73 0.43 46.99 -4.29
CA PRO D 73 -0.15 45.89 -5.06
C PRO D 73 0.88 45.12 -5.86
N PRO D 74 0.68 43.80 -6.02
CA PRO D 74 -0.37 43.06 -5.33
C PRO D 74 0.14 42.33 -4.09
N PHE D 75 -0.29 42.77 -2.90
CA PHE D 75 0.04 42.11 -1.64
C PHE D 75 1.56 41.99 -1.45
N MET D 76 2.28 43.06 -1.76
CA MET D 76 3.74 43.12 -1.61
C MET D 76 4.47 42.09 -2.46
N LEU D 77 3.79 41.52 -3.45
CA LEU D 77 4.39 40.50 -4.30
C LEU D 77 5.14 41.08 -5.49
N ASN D 78 4.94 42.37 -5.79
CA ASN D 78 5.59 42.99 -6.93
C ASN D 78 7.05 43.34 -6.60
N ASP D 79 7.74 43.89 -7.60
CA ASP D 79 9.11 44.34 -7.46
C ASP D 79 9.29 45.16 -6.19
N THR D 80 10.25 44.75 -5.36
CA THR D 80 10.53 45.47 -4.13
C THR D 80 10.91 46.92 -4.41
N GLN D 81 11.53 47.17 -5.56
CA GLN D 81 11.85 48.55 -5.95
C GLN D 81 10.59 49.37 -6.15
N VAL D 82 9.53 48.75 -6.68
CA VAL D 82 8.27 49.44 -6.86
C VAL D 82 7.54 49.60 -5.53
N ASN D 83 7.65 48.59 -4.66
CA ASN D 83 7.10 48.71 -3.32
C ASN D 83 7.72 49.87 -2.57
N THR D 84 9.01 50.15 -2.83
CA THR D 84 9.69 51.24 -2.15
C THR D 84 9.16 52.61 -2.61
N GLU D 85 8.73 52.72 -3.88
CA GLU D 85 8.14 53.97 -4.34
C GLU D 85 6.93 54.36 -3.51
N TYR D 86 6.13 53.37 -3.11
CA TYR D 86 4.98 53.66 -2.24
C TYR D 86 5.43 54.20 -0.89
N MET D 87 6.56 53.70 -0.39
N MET D 87 6.57 53.70 -0.40
CA MET D 87 7.03 54.16 0.91
CA MET D 87 7.06 54.14 0.91
C MET D 87 7.68 55.53 0.82
C MET D 87 7.71 55.52 0.83
N VAL D 88 8.52 55.76 -0.20
CA VAL D 88 9.19 57.05 -0.33
C VAL D 88 8.18 58.18 -0.51
N ASN D 89 7.20 57.97 -1.40
CA ASN D 89 6.16 58.97 -1.60
C ASN D 89 5.36 59.20 -0.32
N ALA D 90 5.12 58.13 0.45
CA ALA D 90 4.34 58.27 1.68
C ALA D 90 5.08 59.12 2.69
N ILE D 91 6.40 58.97 2.79
CA ILE D 91 7.19 59.77 3.72
C ILE D 91 7.10 61.25 3.36
N THR D 92 7.28 61.56 2.07
CA THR D 92 7.14 62.95 1.62
C THR D 92 5.77 63.51 1.96
N THR D 93 4.72 62.74 1.74
CA THR D 93 3.36 63.21 2.03
C THR D 93 3.16 63.42 3.52
N LEU D 94 3.53 62.43 4.33
CA LEU D 94 3.28 62.50 5.77
C LEU D 94 4.18 63.53 6.45
N TYR D 95 5.39 63.73 5.93
CA TYR D 95 6.26 64.76 6.48
C TYR D 95 5.62 66.14 6.36
N ALA D 96 5.19 66.50 5.15
CA ALA D 96 4.50 67.78 4.96
C ALA D 96 3.14 67.79 5.65
N GLY D 97 2.44 66.65 5.63
CA GLY D 97 1.11 66.59 6.21
C GLY D 97 1.06 66.77 7.71
N SER D 98 2.19 66.63 8.39
CA SER D 98 2.27 66.81 9.84
C SER D 98 3.05 68.08 10.21
N GLY D 99 3.08 69.06 9.32
CA GLY D 99 3.76 70.31 9.58
C GLY D 99 5.26 70.24 9.46
N ASN D 100 5.78 69.49 8.48
CA ASN D 100 7.21 69.33 8.24
C ASN D 100 7.92 68.82 9.50
N ASN D 101 7.40 67.71 10.03
CA ASN D 101 7.96 67.06 11.21
C ASN D 101 8.35 65.63 10.86
N LYS D 102 9.47 65.17 11.41
CA LYS D 102 9.90 63.79 11.20
C LYS D 102 8.90 62.82 11.82
N LEU D 103 8.80 61.64 11.22
CA LEU D 103 7.85 60.63 11.67
C LEU D 103 8.55 59.28 11.79
N PRO D 104 8.07 58.41 12.67
CA PRO D 104 8.64 57.07 12.78
C PRO D 104 8.05 56.13 11.73
N VAL D 105 8.84 55.11 11.39
CA VAL D 105 8.43 54.08 10.45
C VAL D 105 8.60 52.72 11.11
N LEU D 106 7.53 51.92 11.11
CA LEU D 106 7.53 50.58 11.68
C LEU D 106 7.20 49.58 10.60
N THR D 107 7.99 48.50 10.53
CA THR D 107 7.93 47.57 9.41
C THR D 107 7.89 46.13 9.92
N VAL D 108 7.62 45.22 8.99
CA VAL D 108 7.72 43.79 9.26
C VAL D 108 8.14 43.09 7.97
N SER D 109 9.01 42.08 8.11
CA SER D 109 9.37 41.18 7.01
C SER D 109 9.95 42.00 5.86
N GLN D 110 9.39 41.92 4.65
CA GLN D 110 9.89 42.70 3.53
C GLN D 110 9.80 44.21 3.79
N GLY D 111 8.89 44.64 4.67
CA GLY D 111 8.75 46.05 4.95
C GLY D 111 10.04 46.71 5.42
N GLY D 112 10.81 46.00 6.25
CA GLY D 112 12.09 46.53 6.68
C GLY D 112 13.09 46.65 5.55
N LEU D 113 13.10 45.67 4.64
CA LEU D 113 13.92 45.76 3.45
C LEU D 113 13.53 46.95 2.59
N VAL D 114 12.23 47.23 2.50
CA VAL D 114 11.76 48.38 1.72
C VAL D 114 12.22 49.68 2.35
N ALA D 115 12.14 49.79 3.69
CA ALA D 115 12.53 51.02 4.37
C ALA D 115 14.02 51.31 4.17
N GLN D 116 14.85 50.29 4.36
CA GLN D 116 16.30 50.49 4.21
C GLN D 116 16.69 50.71 2.76
N TRP D 117 15.94 50.10 1.82
CA TRP D 117 16.18 50.36 0.41
C TRP D 117 15.88 51.80 0.04
N GLY D 118 14.79 52.35 0.57
CA GLY D 118 14.45 53.73 0.28
C GLY D 118 15.42 54.73 0.87
N LEU D 119 15.84 54.50 2.11
CA LEU D 119 16.81 55.41 2.73
C LEU D 119 18.17 55.36 2.04
N THR D 120 18.52 54.21 1.45
CA THR D 120 19.80 54.10 0.78
C THR D 120 19.82 54.88 -0.52
N PHE D 121 18.78 54.74 -1.34
CA PHE D 121 18.80 55.27 -2.71
C PHE D 121 17.95 56.51 -2.91
N PHE D 122 17.14 56.91 -1.91
CA PHE D 122 16.32 58.11 -2.00
C PHE D 122 16.73 59.05 -0.87
N PRO D 123 17.76 59.86 -1.08
CA PRO D 123 18.32 60.65 0.04
C PRO D 123 17.36 61.67 0.64
N SER D 124 16.31 62.07 -0.08
CA SER D 124 15.47 63.17 0.40
C SER D 124 14.71 62.79 1.67
N ILE D 125 14.41 61.50 1.85
CA ILE D 125 13.62 61.06 3.00
C ILE D 125 14.45 60.83 4.25
N ARG D 126 15.77 60.94 4.16
CA ARG D 126 16.61 60.66 5.31
C ARG D 126 16.41 61.69 6.42
N SER D 127 16.09 62.93 6.06
CA SER D 127 15.80 63.98 7.03
C SER D 127 14.33 64.05 7.38
N LYS D 128 13.53 63.09 6.91
CA LYS D 128 12.10 63.07 7.17
C LYS D 128 11.66 61.86 8.00
N VAL D 129 12.55 60.88 8.22
CA VAL D 129 12.26 59.71 9.03
C VAL D 129 13.01 59.86 10.34
N ASP D 130 12.28 59.87 11.44
CA ASP D 130 12.87 60.09 12.76
C ASP D 130 13.50 58.82 13.33
N ARG D 131 12.94 57.65 13.01
CA ARG D 131 13.45 56.39 13.50
C ARG D 131 12.85 55.27 12.66
N LEU D 132 13.43 54.09 12.79
CA LEU D 132 12.93 52.89 12.11
C LEU D 132 12.91 51.74 13.11
N MET D 133 11.73 51.13 13.28
CA MET D 133 11.54 49.99 14.15
C MET D 133 11.13 48.81 13.27
N ALA D 134 12.09 47.97 12.92
CA ALA D 134 11.89 46.87 11.99
C ALA D 134 11.77 45.56 12.73
N PHE D 135 10.68 44.82 12.48
CA PHE D 135 10.46 43.51 13.07
C PHE D 135 10.75 42.44 12.02
N ALA D 136 11.66 41.54 12.35
CA ALA D 136 12.11 40.48 11.45
C ALA D 136 12.40 40.95 10.01
N PRO D 137 13.23 41.98 9.86
CA PRO D 137 13.60 42.41 8.51
C PRO D 137 14.62 41.47 7.90
N ASP D 138 14.58 41.35 6.57
CA ASP D 138 15.49 40.48 5.83
C ASP D 138 16.34 41.33 4.89
N TYR D 139 17.25 42.11 5.48
CA TYR D 139 18.13 42.94 4.68
C TYR D 139 19.06 42.10 3.82
N LYS D 140 19.41 40.90 4.27
CA LYS D 140 20.21 39.97 3.48
C LYS D 140 19.34 38.93 2.77
N GLY D 141 18.02 39.11 2.78
CA GLY D 141 17.16 38.09 2.23
C GLY D 141 17.05 36.90 3.17
N THR D 142 16.67 35.76 2.59
CA THR D 142 16.52 34.53 3.34
C THR D 142 17.06 33.36 2.52
N VAL D 143 17.64 32.38 3.22
CA VAL D 143 18.13 31.17 2.58
C VAL D 143 17.05 30.10 2.45
N LEU D 144 15.86 30.32 3.00
CA LEU D 144 14.80 29.33 2.96
C LEU D 144 14.05 29.44 1.64
N ALA D 145 14.15 28.40 0.82
CA ALA D 145 13.52 28.35 -0.49
C ALA D 145 12.02 28.14 -0.37
N GLY D 146 11.31 28.39 -1.47
CA GLY D 146 9.87 28.23 -1.51
C GLY D 146 9.42 26.79 -1.39
N PRO D 147 8.21 26.58 -0.87
CA PRO D 147 7.70 25.22 -0.71
C PRO D 147 7.27 24.52 -1.99
N LEU D 148 7.58 25.05 -3.15
CA LEU D 148 7.09 24.49 -4.40
C LEU D 148 8.23 24.13 -5.35
N ASP D 149 7.85 23.65 -6.53
CA ASP D 149 8.80 23.23 -7.54
C ASP D 149 9.64 24.40 -8.01
N ALA D 150 10.91 24.11 -8.33
CA ALA D 150 11.80 25.14 -8.83
C ALA D 150 11.34 25.67 -10.19
N LEU D 151 10.64 24.85 -10.97
CA LEU D 151 10.12 25.28 -12.26
C LEU D 151 8.88 26.13 -12.13
N ALA D 152 8.22 26.15 -10.96
CA ALA D 152 7.01 26.93 -10.80
C ALA D 152 7.26 28.42 -10.63
N GLY D 153 8.51 28.86 -10.69
CA GLY D 153 8.79 30.27 -10.55
C GLY D 153 8.62 30.77 -9.12
N SER D 154 8.64 32.09 -8.99
CA SER D 154 8.44 32.75 -7.71
C SER D 154 7.90 34.15 -7.95
N ALA D 155 7.30 34.71 -6.90
CA ALA D 155 6.83 36.08 -6.97
C ALA D 155 8.02 37.02 -7.18
N PRO D 156 7.81 38.15 -7.85
CA PRO D 156 8.94 39.09 -8.05
C PRO D 156 9.66 39.46 -6.77
N SER D 157 8.93 39.83 -5.72
CA SER D 157 9.58 40.17 -4.45
C SER D 157 10.19 38.95 -3.78
N VAL D 158 9.67 37.75 -4.06
CA VAL D 158 10.27 36.55 -3.46
C VAL D 158 11.58 36.22 -4.13
N TRP D 159 11.69 36.46 -5.44
CA TRP D 159 12.98 36.38 -6.12
C TRP D 159 14.00 37.30 -5.47
N GLN D 160 13.59 38.55 -5.21
CA GLN D 160 14.51 39.56 -4.72
C GLN D 160 14.88 39.36 -3.25
N GLN D 161 14.07 38.64 -2.49
CA GLN D 161 14.36 38.37 -1.09
C GLN D 161 15.11 37.06 -0.88
N THR D 162 15.54 36.40 -1.95
CA THR D 162 16.37 35.22 -1.82
C THR D 162 17.82 35.64 -1.58
N THR D 163 18.49 34.94 -0.68
CA THR D 163 19.90 35.22 -0.41
C THR D 163 20.70 35.12 -1.70
N GLY D 164 21.58 36.10 -1.93
CA GLY D 164 22.36 36.17 -3.14
C GLY D 164 21.67 36.81 -4.31
N SER D 165 20.46 37.36 -4.11
CA SER D 165 19.77 38.03 -5.19
C SER D 165 20.52 39.30 -5.60
N ALA D 166 20.20 39.78 -6.80
CA ALA D 166 20.76 41.07 -7.24
C ALA D 166 20.28 42.20 -6.34
N LEU D 167 19.05 42.10 -5.85
CA LEU D 167 18.48 43.15 -4.99
C LEU D 167 19.26 43.26 -3.68
N THR D 168 19.38 42.14 -2.94
CA THR D 168 20.12 42.17 -1.68
C THR D 168 21.59 42.46 -1.90
N THR D 169 22.15 42.03 -3.02
CA THR D 169 23.55 42.33 -3.33
C THR D 169 23.76 43.83 -3.49
N ALA D 170 22.86 44.50 -4.20
CA ALA D 170 23.02 45.93 -4.45
C ALA D 170 22.83 46.74 -3.17
N LEU D 171 21.92 46.31 -2.30
CA LEU D 171 21.72 47.00 -1.03
C LEU D 171 22.98 46.94 -0.17
N ARG D 172 23.61 45.76 -0.10
CA ARG D 172 24.84 45.62 0.66
C ARG D 172 25.97 46.43 0.05
N ASN D 173 26.18 46.30 -1.26
CA ASN D 173 27.31 46.96 -1.91
C ASN D 173 27.17 48.48 -1.96
N ALA D 174 25.95 49.00 -1.85
CA ALA D 174 25.76 50.44 -1.79
C ALA D 174 25.92 51.01 -0.39
N GLY D 175 26.28 50.18 0.58
CA GLY D 175 26.41 50.62 1.95
C GLY D 175 25.14 50.57 2.78
N GLY D 176 24.14 49.83 2.32
CA GLY D 176 22.84 49.77 2.97
C GLY D 176 22.73 48.87 4.17
N LEU D 177 23.77 48.12 4.52
CA LEU D 177 23.73 47.28 5.72
C LEU D 177 24.19 48.02 6.97
N THR D 178 24.43 49.33 6.88
CA THR D 178 24.64 50.19 8.02
C THR D 178 23.41 51.07 8.17
N GLN D 179 22.96 51.27 9.41
CA GLN D 179 21.76 52.05 9.65
C GLN D 179 21.93 53.47 9.11
N ILE D 180 20.85 54.04 8.60
CA ILE D 180 20.86 55.36 8.01
C ILE D 180 20.15 56.37 8.91
N VAL D 181 19.07 55.94 9.56
CA VAL D 181 18.46 56.70 10.66
C VAL D 181 18.57 55.78 11.87
N PRO D 182 18.32 56.27 13.09
CA PRO D 182 18.32 55.36 14.25
C PRO D 182 17.35 54.20 14.04
N THR D 183 17.91 53.00 13.99
CA THR D 183 17.17 51.80 13.60
C THR D 183 17.23 50.76 14.71
N THR D 184 16.08 50.16 15.03
CA THR D 184 16.00 49.03 15.93
C THR D 184 15.50 47.82 15.15
N ASN D 185 16.22 46.70 15.27
CA ASN D 185 15.86 45.47 14.58
C ASN D 185 15.56 44.40 15.62
N LEU D 186 14.31 43.94 15.66
CA LEU D 186 13.88 42.87 16.54
C LEU D 186 13.67 41.62 15.67
N TYR D 187 14.41 40.57 15.98
CA TYR D 187 14.32 39.33 15.20
C TYR D 187 14.60 38.15 16.12
N SER D 188 14.49 36.95 15.56
CA SER D 188 14.58 35.72 16.34
C SER D 188 15.37 34.67 15.58
N ALA D 189 16.09 33.83 16.35
CA ALA D 189 16.81 32.71 15.76
C ALA D 189 15.88 31.64 15.25
N THR D 190 14.64 31.58 15.73
CA THR D 190 13.66 30.60 15.32
C THR D 190 12.80 31.08 14.14
N ASP D 191 13.18 32.18 13.51
CA ASP D 191 12.42 32.69 12.38
C ASP D 191 12.35 31.63 11.27
N GLU D 192 11.14 31.19 10.96
CA GLU D 192 10.92 30.15 9.97
C GLU D 192 10.79 30.68 8.55
N ILE D 193 10.93 32.00 8.37
CA ILE D 193 10.86 32.62 7.06
C ILE D 193 12.17 33.30 6.68
N VAL D 194 12.78 34.01 7.62
CA VAL D 194 14.02 34.74 7.38
C VAL D 194 15.15 34.03 8.12
N GLN D 195 16.14 33.55 7.38
CA GLN D 195 17.34 32.93 7.95
C GLN D 195 18.54 33.29 7.06
N PRO D 196 19.76 33.30 7.64
CA PRO D 196 20.12 32.95 9.01
C PRO D 196 19.92 34.08 10.02
N GLN D 197 19.55 33.70 11.25
CA GLN D 197 19.33 34.64 12.33
C GLN D 197 19.94 34.15 13.65
N VAL D 198 20.84 33.16 13.58
CA VAL D 198 21.22 32.38 14.76
C VAL D 198 22.58 32.78 15.31
N SER D 199 23.19 33.85 14.79
CA SER D 199 24.54 34.22 15.18
C SER D 199 24.62 35.39 16.14
N ASN D 200 23.54 36.19 16.26
CA ASN D 200 23.56 37.42 17.05
C ASN D 200 24.74 38.29 16.63
N SER D 201 24.88 38.48 15.33
CA SER D 201 26.08 39.07 14.75
C SER D 201 25.72 39.61 13.37
N PRO D 202 26.64 40.33 12.71
CA PRO D 202 26.36 40.81 11.35
C PRO D 202 26.03 39.71 10.35
N LEU D 203 26.21 38.43 10.70
CA LEU D 203 25.80 37.36 9.80
C LEU D 203 24.28 37.25 9.71
N ASP D 204 23.56 37.78 10.69
CA ASP D 204 22.10 37.69 10.68
C ASP D 204 21.51 38.60 9.61
N SER D 205 20.40 38.14 9.03
CA SER D 205 19.75 38.90 7.96
C SER D 205 19.17 40.21 8.46
N SER D 206 18.74 40.26 9.72
CA SER D 206 18.14 41.46 10.29
C SER D 206 19.14 42.43 10.89
N TYR D 207 20.43 42.13 10.82
CA TYR D 207 21.44 42.94 11.47
C TYR D 207 21.81 44.14 10.62
N LEU D 208 21.84 45.31 11.24
CA LEU D 208 22.35 46.54 10.63
C LEU D 208 23.46 47.11 11.50
N PHE D 209 24.59 47.45 10.86
CA PHE D 209 25.71 47.99 11.60
C PHE D 209 25.33 49.33 12.22
N ASN D 210 25.71 49.52 13.48
CA ASN D 210 25.40 50.67 14.34
C ASN D 210 23.94 50.72 14.75
N GLY D 211 23.11 49.79 14.29
CA GLY D 211 21.73 49.74 14.73
C GLY D 211 21.62 49.07 16.09
N LYS D 212 20.40 49.09 16.62
CA LYS D 212 20.09 48.40 17.87
C LYS D 212 19.49 47.05 17.47
N ASN D 213 20.37 46.06 17.29
CA ASN D 213 19.98 44.74 16.81
C ASN D 213 19.66 43.86 18.01
N VAL D 214 18.39 43.52 18.16
CA VAL D 214 17.91 42.76 19.31
C VAL D 214 17.48 41.39 18.81
N GLN D 215 18.34 40.40 19.00
CA GLN D 215 17.96 39.01 18.81
C GLN D 215 17.26 38.52 20.07
N ALA D 216 16.07 37.96 19.92
CA ALA D 216 15.25 37.61 21.09
C ALA D 216 15.97 36.61 21.99
N GLN D 217 16.74 35.69 21.41
CA GLN D 217 17.45 34.70 22.22
C GLN D 217 18.57 35.34 23.04
N ALA D 218 19.12 36.46 22.57
CA ALA D 218 20.16 37.15 23.34
C ALA D 218 19.60 37.76 24.62
N VAL D 219 18.35 38.18 24.62
CA VAL D 219 17.73 38.77 25.79
C VAL D 219 17.05 37.71 26.65
N CYS D 220 16.45 36.70 26.02
CA CYS D 220 15.55 35.78 26.69
C CYS D 220 16.13 34.40 26.95
N GLY D 221 17.26 34.06 26.33
CA GLY D 221 17.85 32.76 26.55
C GLY D 221 17.97 31.95 25.28
N PRO D 222 18.85 30.95 25.28
CA PRO D 222 19.11 30.19 24.06
C PRO D 222 17.96 29.28 23.65
N LEU D 223 17.08 28.90 24.57
CA LEU D 223 15.95 28.04 24.25
C LEU D 223 14.65 28.81 24.10
N PHE D 224 14.71 30.13 24.04
CA PHE D 224 13.50 30.93 23.81
C PHE D 224 13.04 30.76 22.37
N VAL D 225 11.75 30.55 22.18
CA VAL D 225 11.16 30.29 20.87
C VAL D 225 10.20 31.43 20.53
N ILE D 226 10.40 32.04 19.36
CA ILE D 226 9.50 33.05 18.84
C ILE D 226 9.62 33.06 17.32
N ASP D 227 8.51 32.82 16.62
CA ASP D 227 8.54 32.61 15.18
C ASP D 227 8.57 33.94 14.45
N HIS D 228 8.36 33.89 13.13
CA HIS D 228 8.36 35.10 12.31
C HIS D 228 7.22 36.03 12.68
N ALA D 229 5.99 35.51 12.68
CA ALA D 229 4.84 36.34 13.01
C ALA D 229 4.90 36.83 14.45
N GLY D 230 5.39 35.99 15.36
CA GLY D 230 5.53 36.40 16.75
C GLY D 230 6.52 37.52 16.93
N SER D 231 7.54 37.58 16.06
CA SER D 231 8.51 38.67 16.12
C SER D 231 7.85 40.03 15.96
N LEU D 232 6.66 40.08 15.37
CA LEU D 232 5.89 41.31 15.19
C LEU D 232 4.83 41.51 16.27
N THR D 233 4.13 40.44 16.65
CA THR D 233 2.92 40.56 17.45
C THR D 233 3.13 40.26 18.94
N SER D 234 4.32 39.78 19.33
CA SER D 234 4.49 39.32 20.70
C SER D 234 4.50 40.49 21.69
N GLN D 235 4.21 40.17 22.95
CA GLN D 235 4.34 41.14 24.03
C GLN D 235 5.79 41.58 24.19
N PHE D 236 6.74 40.66 23.98
CA PHE D 236 8.15 41.03 23.97
C PHE D 236 8.43 42.07 22.90
N SER D 237 7.86 41.89 21.71
CA SER D 237 8.06 42.84 20.62
C SER D 237 7.43 44.19 20.95
N TYR D 238 6.28 44.20 21.64
CA TYR D 238 5.65 45.47 21.98
C TYR D 238 6.51 46.29 22.93
N VAL D 239 7.04 45.65 23.97
CA VAL D 239 7.89 46.35 24.93
C VAL D 239 9.11 46.92 24.23
N VAL D 240 9.74 46.13 23.35
CA VAL D 240 10.90 46.61 22.62
C VAL D 240 10.50 47.71 21.64
N GLY D 241 9.39 47.52 20.93
CA GLY D 241 8.94 48.54 19.99
C GLY D 241 8.52 49.83 20.67
N ARG D 242 7.78 49.71 21.79
CA ARG D 242 7.37 50.89 22.54
C ARG D 242 8.58 51.68 23.02
N SER D 243 9.64 50.98 23.42
CA SER D 243 10.85 51.67 23.84
C SER D 243 11.49 52.44 22.69
N ALA D 244 11.53 51.84 21.50
CA ALA D 244 12.11 52.51 20.36
C ALA D 244 11.32 53.75 19.95
N LEU D 245 10.00 53.71 20.10
CA LEU D 245 9.17 54.84 19.67
C LEU D 245 9.31 56.02 20.62
N ARG D 246 9.38 55.78 21.92
CA ARG D 246 9.46 56.85 22.91
C ARG D 246 10.89 57.15 23.35
N SER D 247 11.88 56.66 22.61
CA SER D 247 13.28 56.85 22.98
C SER D 247 13.81 58.17 22.44
N THR D 248 14.60 58.87 23.28
CA THR D 248 15.22 60.11 22.86
C THR D 248 16.40 59.90 21.92
N THR D 249 16.94 58.68 21.85
CA THR D 249 18.04 58.37 20.95
C THR D 249 17.57 57.79 19.62
N GLY D 250 16.29 57.44 19.50
CA GLY D 250 15.77 56.83 18.28
C GLY D 250 15.89 55.32 18.22
N GLN D 251 16.48 54.69 19.24
CA GLN D 251 16.63 53.25 19.31
C GLN D 251 16.06 52.74 20.61
N ALA D 252 15.60 51.49 20.60
CA ALA D 252 15.17 50.84 21.84
C ALA D 252 16.33 50.80 22.83
N ARG D 253 16.01 50.98 24.11
CA ARG D 253 17.00 51.01 25.17
C ARG D 253 16.90 49.73 26.00
N SER D 254 18.05 49.12 26.29
CA SER D 254 18.08 47.86 27.01
C SER D 254 17.49 47.97 28.40
N ALA D 255 17.48 49.17 28.99
CA ALA D 255 16.89 49.35 30.32
C ALA D 255 15.37 49.32 30.29
N ASP D 256 14.76 49.39 29.11
CA ASP D 256 13.30 49.39 28.99
C ASP D 256 12.71 47.99 28.90
N TYR D 257 13.52 46.97 28.67
CA TYR D 257 13.01 45.60 28.58
C TYR D 257 14.00 44.65 29.24
N GLY D 258 13.49 43.49 29.62
CA GLY D 258 14.31 42.49 30.28
C GLY D 258 13.71 41.11 30.13
N ILE D 259 14.24 40.18 30.92
CA ILE D 259 13.79 38.80 30.85
C ILE D 259 12.33 38.67 31.26
N THR D 260 11.85 39.57 32.11
CA THR D 260 10.46 39.55 32.54
C THR D 260 9.49 39.88 31.41
N ASP D 261 9.99 40.43 30.30
CA ASP D 261 9.15 40.76 29.15
C ASP D 261 9.19 39.68 28.08
N CYS D 262 9.83 38.54 28.36
CA CYS D 262 10.05 37.51 27.35
C CYS D 262 8.79 36.65 27.20
N ASN D 263 7.78 37.25 26.58
CA ASN D 263 6.51 36.59 26.30
C ASN D 263 6.28 36.55 24.81
N PRO D 264 6.34 35.38 24.16
CA PRO D 264 6.16 35.33 22.70
C PRO D 264 4.71 35.41 22.25
N LEU D 265 3.75 35.36 23.17
CA LEU D 265 2.34 35.43 22.85
C LEU D 265 1.95 36.86 22.50
N PRO D 266 0.81 37.05 21.82
CA PRO D 266 0.39 38.39 21.42
C PRO D 266 0.34 39.37 22.59
N ALA D 267 0.51 40.65 22.27
CA ALA D 267 0.64 41.70 23.28
C ALA D 267 -0.53 41.67 24.27
N ASN D 268 -0.21 41.92 25.53
CA ASN D 268 -1.22 41.84 26.59
C ASN D 268 -2.32 42.88 26.39
N ASP D 269 -1.97 44.07 25.88
CA ASP D 269 -2.94 45.14 25.75
C ASP D 269 -3.94 44.89 24.62
N LEU D 270 -3.67 43.95 23.73
CA LEU D 270 -4.60 43.62 22.67
C LEU D 270 -5.84 42.93 23.24
N THR D 271 -6.98 43.19 22.63
CA THR D 271 -8.21 42.53 23.03
C THR D 271 -8.11 41.04 22.71
N PRO D 272 -8.92 40.21 23.39
CA PRO D 272 -8.90 38.77 23.09
C PRO D 272 -9.14 38.45 21.63
N GLU D 273 -10.01 39.20 20.96
CA GLU D 273 -10.25 38.97 19.54
C GLU D 273 -9.04 39.37 18.70
N GLN D 274 -8.33 40.42 19.11
CA GLN D 274 -7.16 40.87 18.36
C GLN D 274 -5.99 39.90 18.53
N LYS D 275 -5.86 39.30 19.72
CA LYS D 275 -4.85 38.27 19.92
C LYS D 275 -5.08 37.09 18.99
N VAL D 276 -6.35 36.69 18.84
CA VAL D 276 -6.70 35.62 17.92
C VAL D 276 -6.37 36.00 16.48
N ALA D 277 -6.68 37.26 16.11
CA ALA D 277 -6.38 37.71 14.76
C ALA D 277 -4.88 37.76 14.51
N ALA D 278 -4.10 38.09 15.54
CA ALA D 278 -2.65 38.15 15.39
C ALA D 278 -2.05 36.77 15.12
N ALA D 279 -2.66 35.71 15.66
CA ALA D 279 -2.10 34.37 15.47
C ALA D 279 -2.21 33.89 14.02
N ALA D 280 -3.19 34.40 13.27
CA ALA D 280 -3.36 34.07 11.86
C ALA D 280 -2.74 35.12 10.95
N LEU D 281 -1.66 35.77 11.40
CA LEU D 281 -1.06 36.88 10.67
C LEU D 281 -0.65 36.45 9.26
N LEU D 282 -0.05 35.26 9.14
CA LEU D 282 0.54 34.79 7.89
C LEU D 282 -0.46 34.07 6.99
N ALA D 283 -1.75 34.06 7.35
CA ALA D 283 -2.74 33.38 6.51
C ALA D 283 -2.79 33.91 5.08
N PRO D 284 -2.82 35.22 4.83
CA PRO D 284 -2.72 35.69 3.43
C PRO D 284 -1.35 35.46 2.83
N TYR D 285 -0.29 35.48 3.65
CA TYR D 285 1.04 35.18 3.13
C TYR D 285 1.11 33.74 2.64
N TYR D 286 0.57 32.80 3.42
CA TYR D 286 0.52 31.42 2.98
C TYR D 286 -0.25 31.29 1.67
N ALA D 287 -1.38 31.99 1.56
CA ALA D 287 -2.17 31.94 0.34
C ALA D 287 -1.39 32.53 -0.85
N ALA D 288 -0.63 33.59 -0.61
CA ALA D 288 0.07 34.26 -1.70
C ALA D 288 1.19 33.39 -2.27
N ILE D 289 1.92 32.67 -1.40
CA ILE D 289 3.04 31.88 -1.88
C ILE D 289 2.57 30.61 -2.59
N VAL D 290 1.34 30.18 -2.33
CA VAL D 290 0.84 28.93 -2.90
C VAL D 290 -0.01 29.23 -4.13
N ALA D 291 -0.64 30.40 -4.17
CA ALA D 291 -1.56 30.72 -5.26
C ALA D 291 -1.39 32.12 -5.82
N GLY D 292 -0.30 32.81 -5.54
CA GLY D 292 -0.11 34.16 -6.04
C GLY D 292 0.65 34.19 -7.35
N PRO D 293 0.84 35.39 -7.90
CA PRO D 293 1.59 35.53 -9.14
C PRO D 293 3.03 35.07 -8.99
N LYS D 294 3.57 34.53 -10.08
CA LYS D 294 4.92 34.00 -10.11
C LYS D 294 5.56 34.31 -11.46
N GLN D 295 6.88 34.47 -11.46
CA GLN D 295 7.63 34.68 -12.69
C GLN D 295 8.93 33.88 -12.61
N ASN D 296 9.64 33.83 -13.73
CA ASN D 296 10.75 32.90 -13.91
C ASN D 296 12.13 33.55 -13.84
N CYS D 297 12.22 34.78 -13.34
CA CYS D 297 13.51 35.44 -13.21
C CYS D 297 13.37 36.56 -12.19
N GLU D 298 14.51 36.99 -11.65
CA GLU D 298 14.52 38.11 -10.73
C GLU D 298 14.32 39.40 -11.50
N PRO D 299 13.44 40.31 -11.05
CA PRO D 299 13.23 41.57 -11.77
C PRO D 299 14.54 42.33 -11.96
N ASP D 300 14.61 43.05 -13.08
CA ASP D 300 15.80 43.86 -13.35
C ASP D 300 15.93 44.96 -12.30
N LEU D 301 17.17 45.34 -12.02
CA LEU D 301 17.43 46.44 -11.11
C LEU D 301 17.22 47.78 -11.81
N MET D 302 16.70 48.75 -11.06
CA MET D 302 16.56 50.10 -11.55
C MET D 302 17.94 50.69 -11.83
N PRO D 303 18.03 51.70 -12.71
CA PRO D 303 19.35 52.28 -13.02
C PRO D 303 20.10 52.79 -11.81
N TYR D 304 19.41 53.28 -10.77
CA TYR D 304 20.12 53.82 -9.62
C TYR D 304 20.82 52.73 -8.83
N ALA D 305 20.29 51.50 -8.86
CA ALA D 305 20.85 50.40 -8.11
C ALA D 305 21.67 49.43 -8.97
N ARG D 306 21.57 49.55 -10.29
CA ARG D 306 22.31 48.66 -11.19
C ARG D 306 23.81 48.59 -10.93
N PRO D 307 24.54 49.69 -10.73
CA PRO D 307 26.00 49.59 -10.61
C PRO D 307 26.49 48.76 -9.43
N PHE D 308 25.63 48.44 -8.46
CA PHE D 308 26.05 47.80 -7.23
C PHE D 308 25.83 46.30 -7.23
N ALA D 309 25.55 45.70 -8.39
CA ALA D 309 25.34 44.26 -8.48
C ALA D 309 25.93 43.71 -9.77
N VAL D 310 27.15 44.15 -10.10
CA VAL D 310 27.81 43.68 -11.31
C VAL D 310 28.04 42.17 -11.21
N GLY D 311 27.64 41.44 -12.24
CA GLY D 311 27.82 40.01 -12.30
C GLY D 311 26.57 39.20 -11.97
N LYS D 312 25.58 39.82 -11.34
CA LYS D 312 24.37 39.11 -10.94
C LYS D 312 23.38 39.07 -12.10
N ARG D 313 22.64 37.98 -12.20
CA ARG D 313 21.75 37.73 -13.32
C ARG D 313 20.31 38.09 -12.97
N THR D 314 19.69 38.94 -13.79
CA THR D 314 18.28 39.25 -13.66
C THR D 314 17.53 38.86 -14.93
N CYS D 315 16.31 39.37 -15.09
CA CYS D 315 15.48 38.94 -16.22
C CYS D 315 16.13 39.30 -17.56
N SER D 316 16.79 40.46 -17.64
CA SER D 316 17.41 40.87 -18.89
C SER D 316 18.75 40.19 -19.14
N GLY D 317 19.38 39.64 -18.10
CA GLY D 317 20.67 39.01 -18.19
C GLY D 317 21.55 39.43 -17.04
N ILE D 318 22.86 39.37 -17.26
CA ILE D 318 23.84 39.68 -16.21
C ILE D 318 24.17 41.17 -16.26
N VAL D 319 23.96 41.84 -15.12
CA VAL D 319 24.37 43.24 -14.93
C VAL D 319 25.80 43.45 -15.40
N THR D 320 25.96 44.15 -16.52
CA THR D 320 27.28 44.45 -17.05
C THR D 320 27.88 45.69 -16.37
#